data_1H5R
#
_entry.id   1H5R
#
_cell.length_a   72.810
_cell.length_b   118.960
_cell.length_c   80.590
_cell.angle_alpha   90.00
_cell.angle_beta   112.60
_cell.angle_gamma   90.00
#
_symmetry.space_group_name_H-M   'P 1 21 1'
#
loop_
_entity.id
_entity.type
_entity.pdbx_description
1 polymer 'GLUCOSE-1-PHOSPHATE THYMIDYLYLTRANSFERASE'
2 polymer 'GLUCOSE-1-PHOSPHATE THYMIDYLYLTRANSFERASE'
3 non-polymer THYMIDINE
4 non-polymer 1-O-phosphono-alpha-D-glucopyranose
5 non-polymer 'SULFATE ION'
6 water water
#
loop_
_entity_poly.entity_id
_entity_poly.type
_entity_poly.pdbx_seq_one_letter_code
_entity_poly.pdbx_strand_id
1 'polypeptide(L)'
;MKMRKGIILAGGSGTRLYPVTMAVSKQLLPIYDKPMIYYPLSTLMLAGIRDILIISTPQDTPRFQQLLGDGSQWGLNLQY
KVQPSPDGLAQAFIIGEEFIGGDDCALVLGDNIFYGHDLPKLMEAAVNKESGATVFAYHVNDPERYGVVEFDKNGTAISL
EEKPLEPKSNYAVTGLYFYDNDVVQMAKNLKPSARGELEITDINRIYLEQGRLSVAMMGRGYAWLDTGTHQSLIEASNFI
ATIEERQGLKVSCPEEIAFRKGFIDVEQVRKLAVPLIKNNYGQYLYKMTKDSN
;
A,C,D
2 'polypeptide(L)'
;MKMRKGIILAGGSGTRLYPVTMAVSKQLLPIYDKPMIYYPLSTLMLAGIRDILIISTPQDTPRFQQLLGDGSQWGLNLQY
KVQPSPDGLAQAFIIGEEFIGGDDCALVLGDNIFYGHDLPKLMEAAVNKESGATVFAYHVNDPERYGVVEFDKNGTAISL
EEKPLEPKSNYAVTGLYFYDNDVVQMAKNLKPSARGELEITDINRIYLEQGRLSVALMGRGYAWLDTGTHQSLIEASNFI
ATIEERQGLKVSCPEEIAFRKGFIDVEQVRKLAVPLIKNNYGQYLYKQTKDSN
;
B
#
loop_
_chem_comp.id
_chem_comp.type
_chem_comp.name
_chem_comp.formula
G1P D-saccharide 1-O-phosphono-alpha-D-glucopyranose 'C6 H13 O9 P'
SO4 non-polymer 'SULFATE ION' 'O4 S -2'
THM DNA OH 5 prime terminus THYMIDINE 'C10 H14 N2 O5'
#
# COMPACT_ATOMS: atom_id res chain seq x y z
N LYS A 2 -43.71 -2.55 4.93
CA LYS A 2 -43.36 -3.77 5.73
C LYS A 2 -41.85 -3.92 5.79
N MET A 3 -41.14 -2.84 5.49
CA MET A 3 -39.68 -2.91 5.40
C MET A 3 -39.03 -3.13 6.75
N ARG A 4 -37.94 -3.91 6.77
CA ARG A 4 -37.12 -4.05 7.97
C ARG A 4 -36.41 -2.75 8.17
N LYS A 5 -36.10 -2.45 9.45
CA LYS A 5 -35.57 -1.14 9.85
C LYS A 5 -34.14 -1.25 10.39
N GLY A 6 -33.40 -0.16 10.19
CA GLY A 6 -32.09 -0.09 10.80
C GLY A 6 -31.67 1.36 10.93
N ILE A 7 -30.64 1.61 11.75
CA ILE A 7 -30.09 2.94 11.92
C ILE A 7 -28.59 2.92 11.58
N ILE A 8 -28.11 3.99 10.92
CA ILE A 8 -26.68 4.17 10.73
C ILE A 8 -26.30 5.35 11.59
N LEU A 9 -25.35 5.15 12.48
CA LEU A 9 -25.04 6.19 13.44
C LEU A 9 -23.76 6.76 12.87
N ALA A 10 -23.88 7.96 12.31
CA ALA A 10 -22.80 8.56 11.51
C ALA A 10 -22.40 9.93 12.03
N GLY A 11 -22.25 10.03 13.33
CA GLY A 11 -22.01 11.30 13.98
C GLY A 11 -20.60 11.34 14.53
N GLY A 12 -20.45 12.02 15.66
CA GLY A 12 -19.13 12.09 16.28
C GLY A 12 -18.48 13.41 15.92
N SER A 13 -17.56 13.85 16.76
CA SER A 13 -16.82 15.06 16.46
C SER A 13 -15.96 14.90 15.19
N GLY A 14 -15.09 13.91 15.16
CA GLY A 14 -14.20 13.75 14.03
C GLY A 14 -12.86 14.41 14.31
N THR A 15 -12.71 14.87 15.55
CA THR A 15 -11.48 15.55 15.99
C THR A 15 -10.19 14.74 15.89
N ARG A 16 -10.27 13.41 15.98
CA ARG A 16 -9.03 12.63 15.92
C ARG A 16 -8.35 12.77 14.56
N LEU A 17 -9.17 13.01 13.56
CA LEU A 17 -8.64 13.09 12.18
C LEU A 17 -8.35 14.50 11.68
N TYR A 18 -8.49 15.50 12.56
CA TYR A 18 -8.29 16.91 12.15
C TYR A 18 -6.96 17.00 11.37
N PRO A 19 -6.82 17.77 10.29
CA PRO A 19 -7.83 18.66 9.71
C PRO A 19 -8.58 18.00 8.56
N VAL A 20 -8.40 16.69 8.35
CA VAL A 20 -9.14 16.03 7.29
C VAL A 20 -10.65 16.18 7.50
N THR A 21 -11.08 16.09 8.75
CA THR A 21 -12.50 16.25 9.09
C THR A 21 -13.01 17.66 9.38
N MET A 22 -12.14 18.64 9.27
CA MET A 22 -12.55 20.02 9.41
C MET A 22 -13.59 20.53 8.38
N ALA A 23 -13.44 20.22 7.10
CA ALA A 23 -14.42 20.62 6.09
C ALA A 23 -15.13 19.43 5.44
N VAL A 24 -14.96 18.24 6.00
CA VAL A 24 -15.53 17.01 5.43
C VAL A 24 -16.02 16.08 6.53
N SER A 25 -17.25 15.62 6.41
CA SER A 25 -17.74 14.65 7.37
C SER A 25 -16.92 13.37 7.24
N LYS A 26 -16.50 12.78 8.35
CA LYS A 26 -15.68 11.60 8.25
C LYS A 26 -16.37 10.53 7.41
N GLN A 27 -17.67 10.30 7.61
CA GLN A 27 -18.38 9.22 6.91
C GLN A 27 -18.73 9.53 5.44
N LEU A 28 -18.21 10.65 4.95
CA LEU A 28 -18.28 10.97 3.51
C LEU A 28 -16.92 10.82 2.85
N LEU A 29 -15.89 10.61 3.68
CA LEU A 29 -14.54 10.39 3.15
C LEU A 29 -14.52 9.12 2.29
N PRO A 30 -13.70 9.11 1.24
CA PRO A 30 -13.64 7.93 0.38
C PRO A 30 -12.96 6.71 1.02
N ILE A 31 -13.47 5.54 0.69
CA ILE A 31 -12.78 4.28 0.96
C ILE A 31 -12.66 3.72 -0.45
N TYR A 32 -11.48 3.94 -1.01
CA TYR A 32 -11.13 3.60 -2.39
C TYR A 32 -12.07 4.34 -3.34
N ASP A 33 -13.16 3.73 -3.77
CA ASP A 33 -13.93 4.33 -4.89
C ASP A 33 -15.35 4.80 -4.53
N LYS A 34 -15.64 4.96 -3.25
CA LYS A 34 -16.99 5.39 -2.86
C LYS A 34 -16.96 5.90 -1.43
N PRO A 35 -17.87 6.79 -1.10
CA PRO A 35 -17.94 7.41 0.24
C PRO A 35 -18.05 6.32 1.31
N MET A 36 -17.49 6.63 2.47
CA MET A 36 -17.44 5.65 3.54
C MET A 36 -18.79 5.10 3.94
N ILE A 37 -19.80 5.97 3.96
CA ILE A 37 -21.11 5.53 4.41
C ILE A 37 -21.78 4.52 3.47
N TYR A 38 -21.29 4.38 2.25
CA TYR A 38 -21.83 3.34 1.34
C TYR A 38 -21.60 1.96 1.93
N TYR A 39 -20.57 1.77 2.74
CA TYR A 39 -20.23 0.44 3.27
C TYR A 39 -21.24 -0.04 4.30
N PRO A 40 -21.45 0.67 5.41
CA PRO A 40 -22.47 0.21 6.37
C PRO A 40 -23.85 0.32 5.75
N LEU A 41 -24.05 1.22 4.79
CA LEU A 41 -25.37 1.19 4.18
C LEU A 41 -25.56 -0.14 3.39
N SER A 42 -24.57 -0.51 2.60
CA SER A 42 -24.59 -1.80 1.91
C SER A 42 -24.77 -2.97 2.87
N THR A 43 -24.15 -2.85 4.04
CA THR A 43 -24.28 -3.93 5.03
C THR A 43 -25.73 -4.15 5.47
N LEU A 44 -26.43 -3.06 5.80
CA LEU A 44 -27.83 -3.16 6.17
C LEU A 44 -28.61 -3.66 4.98
N MET A 45 -28.32 -3.15 3.79
CA MET A 45 -29.07 -3.61 2.62
C MET A 45 -28.96 -5.16 2.43
N LEU A 46 -27.76 -5.66 2.65
CA LEU A 46 -27.54 -7.06 2.46
C LEU A 46 -28.25 -7.91 3.53
N ALA A 47 -28.64 -7.27 4.63
CA ALA A 47 -29.34 -7.96 5.68
C ALA A 47 -30.82 -7.89 5.36
N GLY A 48 -31.14 -7.27 4.25
CA GLY A 48 -32.54 -7.16 3.89
C GLY A 48 -33.25 -6.00 4.54
N ILE A 49 -32.48 -5.01 4.98
CA ILE A 49 -33.05 -3.85 5.61
C ILE A 49 -33.15 -2.63 4.65
N ARG A 50 -34.36 -2.07 4.51
CA ARG A 50 -34.60 -1.06 3.49
C ARG A 50 -35.08 0.26 4.03
N ASP A 51 -35.59 0.23 5.27
CA ASP A 51 -36.09 1.45 5.91
C ASP A 51 -34.99 1.88 6.88
N ILE A 52 -34.26 2.94 6.56
CA ILE A 52 -33.06 3.24 7.34
C ILE A 52 -33.09 4.67 7.82
N LEU A 53 -32.70 4.87 9.07
CA LEU A 53 -32.55 6.23 9.61
C LEU A 53 -31.06 6.54 9.73
N ILE A 54 -30.67 7.73 9.24
CA ILE A 54 -29.29 8.15 9.32
C ILE A 54 -29.20 9.29 10.33
N ILE A 55 -28.31 9.09 11.30
CA ILE A 55 -28.16 10.07 12.39
C ILE A 55 -26.75 10.64 12.27
N SER A 56 -26.64 11.96 12.32
CA SER A 56 -25.34 12.58 12.33
C SER A 56 -25.43 13.89 13.13
N THR A 57 -24.40 14.71 13.06
CA THR A 57 -24.31 15.96 13.83
C THR A 57 -25.21 17.02 13.18
N PRO A 58 -25.41 18.13 13.88
CA PRO A 58 -26.24 19.22 13.35
C PRO A 58 -25.69 19.72 12.01
N GLN A 59 -24.37 19.73 11.89
CA GLN A 59 -23.75 20.26 10.67
C GLN A 59 -23.62 19.24 9.57
N ASP A 60 -23.41 17.96 9.92
CA ASP A 60 -23.19 16.94 8.89
C ASP A 60 -24.42 16.20 8.40
N THR A 61 -25.49 16.17 9.19
CA THR A 61 -26.68 15.45 8.75
C THR A 61 -27.21 15.94 7.40
N PRO A 62 -27.28 17.26 7.24
CA PRO A 62 -27.83 17.80 6.01
C PRO A 62 -26.97 17.39 4.80
N ARG A 63 -25.67 17.23 5.00
CA ARG A 63 -24.80 16.78 3.92
C ARG A 63 -25.11 15.30 3.47
N PHE A 64 -25.40 14.40 4.41
CA PHE A 64 -25.80 13.05 3.99
C PHE A 64 -27.12 13.09 3.21
N GLN A 65 -28.04 13.95 3.66
CA GLN A 65 -29.35 14.14 3.03
C GLN A 65 -29.17 14.71 1.63
N GLN A 66 -28.26 15.66 1.46
CA GLN A 66 -27.97 16.17 0.11
C GLN A 66 -27.46 15.04 -0.79
N LEU A 67 -26.59 14.17 -0.27
CA LEU A 67 -26.05 13.10 -1.12
C LEU A 67 -27.03 11.96 -1.45
N LEU A 68 -27.77 11.49 -0.44
CA LEU A 68 -28.53 10.23 -0.62
C LEU A 68 -30.05 10.45 -0.87
N GLY A 69 -30.54 11.60 -0.45
CA GLY A 69 -31.96 11.89 -0.55
C GLY A 69 -32.84 10.96 0.24
N ASP A 70 -33.98 10.59 -0.33
CA ASP A 70 -34.91 9.76 0.40
C ASP A 70 -34.71 8.31 0.11
N GLY A 71 -33.70 8.05 -0.73
CA GLY A 71 -33.20 6.73 -1.07
C GLY A 71 -34.07 5.89 -1.96
N SER A 72 -35.16 6.46 -2.50
CA SER A 72 -36.08 5.64 -3.28
C SER A 72 -35.45 5.26 -4.61
N GLN A 73 -34.39 5.98 -4.97
CA GLN A 73 -33.67 5.72 -6.20
C GLN A 73 -32.96 4.37 -6.07
N TRP A 74 -32.73 3.99 -4.82
CA TRP A 74 -32.19 2.64 -4.51
C TRP A 74 -33.25 1.70 -3.97
N GLY A 75 -34.53 2.08 -4.03
CA GLY A 75 -35.52 1.14 -3.54
C GLY A 75 -35.50 1.01 -2.02
N LEU A 76 -35.04 2.08 -1.39
CA LEU A 76 -34.98 2.17 0.06
C LEU A 76 -35.88 3.30 0.51
N ASN A 77 -36.00 3.44 1.84
CA ASN A 77 -36.63 4.63 2.41
C ASN A 77 -35.65 5.23 3.41
N LEU A 78 -35.02 6.35 3.08
CA LEU A 78 -34.07 6.95 4.05
C LEU A 78 -34.68 8.14 4.78
N GLN A 79 -34.41 8.24 6.08
CA GLN A 79 -34.79 9.44 6.82
C GLN A 79 -33.60 9.86 7.65
N TYR A 80 -33.71 11.04 8.24
CA TYR A 80 -32.57 11.64 8.90
C TYR A 80 -32.89 12.24 10.25
N LYS A 81 -31.92 12.25 11.17
CA LYS A 81 -32.18 12.87 12.47
C LYS A 81 -30.86 13.32 13.05
N VAL A 82 -30.88 14.44 13.77
CA VAL A 82 -29.67 14.98 14.34
C VAL A 82 -29.41 14.46 15.74
N GLN A 83 -28.17 14.09 16.04
CA GLN A 83 -27.77 13.88 17.41
C GLN A 83 -27.05 15.18 17.82
N PRO A 84 -27.62 15.96 18.72
CA PRO A 84 -26.98 17.23 19.15
C PRO A 84 -25.54 17.12 19.66
N SER A 85 -25.24 16.12 20.49
CA SER A 85 -23.90 15.95 21.05
C SER A 85 -23.68 14.43 21.14
N PRO A 86 -22.45 14.01 20.89
CA PRO A 86 -22.11 12.58 20.80
C PRO A 86 -21.96 12.04 22.20
N ASP A 87 -23.12 11.83 22.78
CA ASP A 87 -23.25 11.46 24.16
C ASP A 87 -23.40 9.97 24.34
N GLY A 88 -23.22 9.21 23.26
CA GLY A 88 -23.22 7.77 23.41
C GLY A 88 -23.94 6.97 22.34
N LEU A 89 -23.38 5.80 21.99
CA LEU A 89 -24.01 4.95 20.95
C LEU A 89 -25.46 4.62 21.26
N ALA A 90 -25.78 4.35 22.54
CA ALA A 90 -27.16 3.98 22.87
C ALA A 90 -28.16 5.06 22.61
N GLN A 91 -27.68 6.29 22.49
CA GLN A 91 -28.58 7.39 22.20
C GLN A 91 -29.23 7.26 20.82
N ALA A 92 -28.64 6.43 19.96
CA ALA A 92 -29.29 6.23 18.69
C ALA A 92 -30.72 5.80 18.90
N PHE A 93 -30.94 4.90 19.87
CA PHE A 93 -32.28 4.34 20.09
C PHE A 93 -33.27 5.33 20.73
N ILE A 94 -32.73 6.31 21.41
CA ILE A 94 -33.58 7.36 21.99
C ILE A 94 -33.97 8.36 20.91
N ILE A 95 -32.99 8.79 20.14
CA ILE A 95 -33.30 9.67 19.02
C ILE A 95 -34.16 8.91 18.01
N GLY A 96 -33.92 7.62 17.83
CA GLY A 96 -34.71 6.89 16.85
C GLY A 96 -36.02 6.27 17.38
N GLU A 97 -36.43 6.64 18.59
CA GLU A 97 -37.62 6.01 19.17
C GLU A 97 -38.84 6.06 18.25
N GLU A 98 -39.15 7.23 17.69
CA GLU A 98 -40.35 7.36 16.87
C GLU A 98 -40.17 6.51 15.63
N PHE A 99 -38.95 6.56 15.07
CA PHE A 99 -38.71 5.85 13.83
C PHE A 99 -38.85 4.37 13.98
N ILE A 100 -38.48 3.88 15.16
CA ILE A 100 -38.52 2.47 15.42
C ILE A 100 -39.93 1.98 15.70
N GLY A 101 -40.72 2.80 16.35
CA GLY A 101 -42.06 2.32 16.70
C GLY A 101 -42.01 1.01 17.48
N GLY A 102 -42.84 0.07 17.08
CA GLY A 102 -42.91 -1.22 17.74
C GLY A 102 -42.04 -2.30 17.13
N ASP A 103 -41.16 -1.93 16.20
CA ASP A 103 -40.44 -2.95 15.42
C ASP A 103 -39.05 -3.28 15.95
N ASP A 104 -38.47 -4.34 15.38
CA ASP A 104 -37.08 -4.75 15.63
C ASP A 104 -36.22 -3.65 14.99
N CYS A 105 -34.94 -3.56 15.33
CA CYS A 105 -34.15 -2.50 14.67
C CYS A 105 -32.70 -3.02 14.79
N ALA A 106 -31.94 -2.76 13.73
CA ALA A 106 -30.50 -2.96 13.71
C ALA A 106 -29.80 -1.61 13.85
N LEU A 107 -28.54 -1.63 14.30
CA LEU A 107 -27.70 -0.46 14.31
C LEU A 107 -26.37 -0.83 13.66
N VAL A 108 -25.84 0.03 12.81
CA VAL A 108 -24.47 -0.13 12.36
C VAL A 108 -23.80 1.23 12.48
N LEU A 109 -22.54 1.23 12.87
CA LEU A 109 -21.80 2.49 12.91
C LEU A 109 -21.44 2.88 11.50
N GLY A 110 -21.49 4.19 11.24
CA GLY A 110 -21.26 4.73 9.91
C GLY A 110 -19.82 4.57 9.44
N ASP A 111 -18.87 4.17 10.31
CA ASP A 111 -17.50 3.99 9.87
C ASP A 111 -17.01 2.55 9.91
N ASN A 112 -17.94 1.61 9.90
CA ASN A 112 -17.60 0.21 9.98
C ASN A 112 -17.70 -0.45 8.63
N ILE A 113 -16.69 -1.27 8.31
CA ILE A 113 -16.60 -1.94 7.01
C ILE A 113 -16.51 -3.43 7.24
N PHE A 114 -17.48 -4.18 6.73
CA PHE A 114 -17.48 -5.65 6.92
C PHE A 114 -17.29 -6.31 5.57
N TYR A 115 -16.53 -7.40 5.53
CA TYR A 115 -16.39 -8.12 4.27
C TYR A 115 -16.17 -9.59 4.52
N GLY A 116 -16.84 -10.46 3.77
CA GLY A 116 -16.39 -11.84 3.87
C GLY A 116 -17.40 -12.83 3.31
N HIS A 117 -16.93 -14.04 3.14
CA HIS A 117 -17.78 -15.08 2.57
C HIS A 117 -19.00 -15.34 3.42
N ASP A 118 -20.18 -15.41 2.84
CA ASP A 118 -21.39 -15.69 3.61
C ASP A 118 -21.76 -14.63 4.66
N LEU A 119 -21.32 -13.39 4.49
CA LEU A 119 -21.71 -12.34 5.44
C LEU A 119 -23.24 -12.18 5.45
N PRO A 120 -23.88 -12.29 4.29
CA PRO A 120 -25.34 -12.06 4.25
C PRO A 120 -26.09 -13.15 5.00
N LYS A 121 -25.55 -14.35 4.98
CA LYS A 121 -26.21 -15.43 5.72
C LYS A 121 -26.05 -15.27 7.20
N LEU A 122 -24.89 -14.77 7.59
CA LEU A 122 -24.63 -14.46 9.01
C LEU A 122 -25.60 -13.40 9.58
N MET A 123 -25.79 -12.34 8.82
CA MET A 123 -26.71 -11.33 9.28
C MET A 123 -28.15 -11.82 9.14
N GLU A 124 -28.45 -12.61 8.12
CA GLU A 124 -29.86 -13.07 8.00
C GLU A 124 -30.28 -13.86 9.23
N ALA A 125 -29.32 -14.59 9.77
CA ALA A 125 -29.58 -15.35 10.98
C ALA A 125 -29.90 -14.46 12.17
N ALA A 126 -29.22 -13.33 12.25
CA ALA A 126 -29.47 -12.42 13.36
C ALA A 126 -30.80 -11.73 13.11
N VAL A 127 -31.04 -11.40 11.84
CA VAL A 127 -32.32 -10.76 11.48
C VAL A 127 -33.52 -11.69 11.78
N ASN A 128 -33.33 -12.97 11.56
CA ASN A 128 -34.40 -13.97 11.80
C ASN A 128 -34.76 -14.12 13.25
N LYS A 129 -33.81 -13.83 14.16
CA LYS A 129 -34.07 -13.98 15.56
C LYS A 129 -35.31 -13.22 15.98
N GLU A 130 -36.13 -13.87 16.79
CA GLU A 130 -37.44 -13.28 17.16
C GLU A 130 -37.43 -12.48 18.48
N SER A 131 -36.73 -12.96 19.51
CA SER A 131 -36.69 -12.19 20.73
C SER A 131 -35.28 -12.10 21.19
N GLY A 132 -34.88 -10.93 21.69
CA GLY A 132 -33.48 -10.88 22.13
C GLY A 132 -32.62 -9.99 21.21
N ALA A 133 -31.29 -10.23 21.24
CA ALA A 133 -30.39 -9.37 20.45
C ALA A 133 -29.25 -10.29 19.94
N THR A 134 -28.49 -9.76 18.98
CA THR A 134 -27.30 -10.43 18.42
C THR A 134 -26.21 -9.41 18.25
N VAL A 135 -24.99 -9.76 18.68
CA VAL A 135 -23.85 -8.87 18.45
C VAL A 135 -22.78 -9.80 17.91
N PHE A 136 -21.69 -9.23 17.42
CA PHE A 136 -20.65 -10.09 16.80
C PHE A 136 -19.34 -9.87 17.48
N ALA A 137 -18.64 -10.96 17.80
CA ALA A 137 -17.35 -10.83 18.49
C ALA A 137 -16.23 -11.16 17.48
N TYR A 138 -15.17 -10.35 17.47
CA TYR A 138 -14.14 -10.43 16.46
C TYR A 138 -12.84 -10.24 17.15
N HIS A 139 -11.89 -11.13 16.86
CA HIS A 139 -10.57 -11.03 17.51
C HIS A 139 -9.76 -9.85 16.95
N VAL A 140 -9.25 -8.98 17.84
CA VAL A 140 -8.50 -7.83 17.41
C VAL A 140 -7.18 -7.73 18.19
N ASN A 141 -6.33 -6.86 17.68
CA ASN A 141 -5.06 -6.54 18.30
C ASN A 141 -5.14 -5.61 19.49
N ASP A 142 -6.15 -4.74 19.48
CA ASP A 142 -6.28 -3.69 20.53
C ASP A 142 -7.66 -3.68 21.19
N PRO A 143 -8.00 -4.73 21.93
CA PRO A 143 -9.39 -4.90 22.43
C PRO A 143 -9.77 -3.76 23.34
N GLU A 144 -8.78 -3.19 24.04
CA GLU A 144 -9.07 -2.08 24.95
C GLU A 144 -9.77 -0.86 24.32
N ARG A 145 -9.72 -0.69 23.01
CA ARG A 145 -10.53 0.36 22.36
C ARG A 145 -12.02 0.03 22.22
N TYR A 146 -12.44 -1.19 22.58
CA TYR A 146 -13.79 -1.63 22.23
C TYR A 146 -14.59 -2.16 23.38
N GLY A 147 -15.85 -2.51 23.11
CA GLY A 147 -16.56 -3.37 24.06
C GLY A 147 -15.92 -4.74 23.97
N VAL A 148 -15.62 -5.35 25.11
CA VAL A 148 -14.86 -6.60 25.14
C VAL A 148 -15.61 -7.76 25.75
N VAL A 149 -15.53 -8.92 25.12
CA VAL A 149 -16.23 -10.07 25.65
C VAL A 149 -15.40 -11.09 26.45
N GLU A 150 -15.97 -11.56 27.55
CA GLU A 150 -15.32 -12.49 28.46
C GLU A 150 -16.04 -13.82 28.28
N PHE A 151 -15.24 -14.87 28.08
CA PHE A 151 -15.76 -16.19 27.81
C PHE A 151 -15.39 -17.11 28.95
N ASP A 152 -16.19 -18.16 29.15
CA ASP A 152 -15.93 -19.14 30.20
C ASP A 152 -15.03 -20.22 29.62
N LYS A 153 -14.83 -21.28 30.40
CA LYS A 153 -13.91 -22.37 30.01
C LYS A 153 -14.46 -23.06 28.78
N ASN A 154 -15.79 -23.03 28.63
CA ASN A 154 -16.47 -23.66 27.50
C ASN A 154 -16.63 -22.78 26.24
N GLY A 155 -16.22 -21.51 26.28
CA GLY A 155 -16.38 -20.65 25.12
C GLY A 155 -17.72 -19.90 25.14
N THR A 156 -18.37 -19.93 26.29
CA THR A 156 -19.60 -19.18 26.45
C THR A 156 -19.26 -17.78 26.91
N ALA A 157 -19.90 -16.79 26.31
CA ALA A 157 -19.75 -15.37 26.73
C ALA A 157 -20.43 -15.20 28.08
N ILE A 158 -19.73 -14.65 29.06
CA ILE A 158 -20.32 -14.50 30.37
C ILE A 158 -20.32 -13.09 30.81
N SER A 159 -19.59 -12.23 30.11
CA SER A 159 -19.59 -10.82 30.47
C SER A 159 -19.04 -9.89 29.38
N LEU A 160 -19.35 -8.62 29.53
CA LEU A 160 -18.96 -7.59 28.59
C LEU A 160 -18.41 -6.41 29.41
N GLU A 161 -17.36 -5.78 28.90
CA GLU A 161 -16.81 -4.58 29.54
C GLU A 161 -16.45 -3.57 28.46
N GLU A 162 -16.84 -2.30 28.67
CA GLU A 162 -16.57 -1.27 27.69
C GLU A 162 -15.17 -0.67 27.91
N LYS A 163 -14.29 -0.78 26.91
CA LYS A 163 -12.95 -0.18 26.97
C LYS A 163 -12.23 -0.50 28.28
N PRO A 164 -12.10 -1.77 28.57
CA PRO A 164 -11.46 -2.20 29.82
C PRO A 164 -10.01 -1.77 29.87
N LEU A 165 -9.54 -1.35 31.05
CA LEU A 165 -8.13 -1.01 31.19
C LEU A 165 -7.36 -2.32 31.09
N GLU A 166 -8.00 -3.41 31.51
CA GLU A 166 -7.40 -4.76 31.48
C GLU A 166 -8.34 -5.75 30.80
N PRO A 167 -8.30 -5.79 29.48
CA PRO A 167 -9.25 -6.64 28.75
C PRO A 167 -9.18 -8.10 29.13
N LYS A 168 -10.34 -8.73 29.17
CA LYS A 168 -10.40 -10.12 29.54
C LYS A 168 -10.16 -11.05 28.36
N SER A 169 -10.27 -10.54 27.14
CA SER A 169 -10.01 -11.35 25.95
C SER A 169 -9.63 -10.40 24.81
N ASN A 170 -9.31 -10.95 23.65
CA ASN A 170 -9.05 -10.08 22.49
C ASN A 170 -10.28 -9.96 21.58
N TYR A 171 -11.43 -10.43 22.07
CA TYR A 171 -12.66 -10.41 21.25
C TYR A 171 -13.43 -9.11 21.50
N ALA A 172 -13.44 -8.24 20.50
CA ALA A 172 -14.16 -6.95 20.53
C ALA A 172 -15.56 -7.21 20.00
N VAL A 173 -16.53 -6.46 20.52
CA VAL A 173 -17.86 -6.35 19.92
C VAL A 173 -17.85 -5.42 18.71
N THR A 174 -18.24 -5.93 17.53
CA THR A 174 -18.15 -5.12 16.30
C THR A 174 -19.28 -4.07 16.30
N GLY A 175 -19.22 -3.21 15.29
CA GLY A 175 -20.17 -2.11 15.26
C GLY A 175 -21.43 -2.41 14.48
N LEU A 176 -21.82 -3.66 14.51
CA LEU A 176 -23.10 -4.06 13.90
C LEU A 176 -23.91 -4.81 14.98
N TYR A 177 -25.17 -4.42 15.14
CA TYR A 177 -25.99 -4.91 16.25
C TYR A 177 -27.42 -5.14 15.77
N PHE A 178 -28.07 -6.21 16.24
CA PHE A 178 -29.46 -6.46 15.86
C PHE A 178 -30.26 -6.55 17.15
N TYR A 179 -31.36 -5.79 17.24
CA TYR A 179 -32.18 -5.83 18.47
C TYR A 179 -33.65 -6.16 18.16
N ASP A 180 -34.34 -6.62 19.19
CA ASP A 180 -35.81 -6.69 19.14
C ASP A 180 -36.32 -5.38 19.72
N ASN A 181 -37.61 -5.20 19.88
CA ASN A 181 -38.14 -3.87 20.21
C ASN A 181 -37.85 -3.44 21.65
N ASP A 182 -37.26 -4.31 22.45
CA ASP A 182 -36.98 -3.91 23.82
C ASP A 182 -35.83 -2.91 23.97
N VAL A 183 -35.01 -2.73 22.94
CA VAL A 183 -33.80 -1.89 23.08
C VAL A 183 -34.15 -0.44 23.38
N VAL A 184 -35.31 0.03 22.89
CA VAL A 184 -35.65 1.44 23.10
C VAL A 184 -35.84 1.75 24.61
N GLN A 185 -36.66 0.94 25.27
CA GLN A 185 -36.86 1.10 26.72
C GLN A 185 -35.56 0.91 27.50
N MET A 186 -34.73 -0.03 27.09
CA MET A 186 -33.43 -0.18 27.76
C MET A 186 -32.60 1.07 27.60
N ALA A 187 -32.57 1.66 26.40
CA ALA A 187 -31.73 2.83 26.17
C ALA A 187 -32.19 4.04 27.04
N LYS A 188 -33.48 4.21 27.12
CA LYS A 188 -34.09 5.35 27.80
C LYS A 188 -33.91 5.21 29.29
N ASN A 189 -33.57 4.00 29.73
CA ASN A 189 -33.22 3.76 31.12
C ASN A 189 -31.75 3.81 31.56
N LEU A 190 -30.85 3.95 30.60
CA LEU A 190 -29.42 4.01 30.89
C LEU A 190 -29.07 5.31 31.57
N LYS A 191 -28.06 5.23 32.42
CA LYS A 191 -27.38 6.35 33.03
C LYS A 191 -26.00 6.44 32.36
N PRO A 192 -25.44 7.64 32.33
CA PRO A 192 -24.10 7.83 31.78
C PRO A 192 -23.10 6.95 32.51
N SER A 193 -22.16 6.42 31.74
CA SER A 193 -21.14 5.53 32.27
C SER A 193 -19.98 6.31 32.91
N ALA A 194 -18.93 5.58 33.26
CA ALA A 194 -17.70 6.23 33.73
C ALA A 194 -17.01 7.10 32.69
N ARG A 195 -17.49 7.05 31.44
CA ARG A 195 -16.93 7.91 30.46
C ARG A 195 -17.92 8.93 30.10
N GLY A 196 -19.01 8.98 30.86
CA GLY A 196 -20.02 10.00 30.66
C GLY A 196 -20.95 9.73 29.51
N GLU A 197 -21.00 8.49 29.05
CA GLU A 197 -21.74 8.16 27.84
C GLU A 197 -22.88 7.17 28.10
N LEU A 198 -23.85 7.16 27.20
CA LEU A 198 -24.95 6.18 27.26
C LEU A 198 -24.50 5.07 26.35
N GLU A 199 -24.06 3.99 26.98
CA GLU A 199 -23.28 2.92 26.34
C GLU A 199 -24.14 1.82 25.75
N ILE A 200 -23.79 1.38 24.53
CA ILE A 200 -24.59 0.27 23.99
C ILE A 200 -24.08 -0.98 24.70
N THR A 201 -22.85 -0.95 25.21
CA THR A 201 -22.40 -2.12 25.97
C THR A 201 -23.29 -2.42 27.20
N ASP A 202 -23.83 -1.37 27.82
CA ASP A 202 -24.77 -1.57 28.93
C ASP A 202 -26.08 -2.24 28.44
N ILE A 203 -26.56 -1.84 27.28
CA ILE A 203 -27.69 -2.56 26.67
C ILE A 203 -27.31 -4.00 26.40
N ASN A 204 -26.15 -4.25 25.80
CA ASN A 204 -25.87 -5.64 25.51
C ASN A 204 -25.76 -6.49 26.76
N ARG A 205 -25.18 -5.92 27.81
CA ARG A 205 -25.12 -6.60 29.08
C ARG A 205 -26.48 -7.00 29.64
N ILE A 206 -27.50 -6.15 29.46
CA ILE A 206 -28.84 -6.49 29.97
C ILE A 206 -29.39 -7.71 29.20
N TYR A 207 -29.26 -7.66 27.87
CA TYR A 207 -29.66 -8.86 27.12
C TYR A 207 -28.90 -10.11 27.59
N LEU A 208 -27.59 -9.97 27.80
CA LEU A 208 -26.79 -11.15 28.18
C LEU A 208 -27.27 -11.68 29.52
N GLU A 209 -27.53 -10.77 30.46
CA GLU A 209 -28.02 -11.23 31.75
C GLU A 209 -29.44 -11.84 31.71
N GLN A 210 -30.23 -11.43 30.71
CA GLN A 210 -31.58 -11.99 30.49
C GLN A 210 -31.50 -13.37 29.82
N GLY A 211 -30.30 -13.69 29.34
CA GLY A 211 -30.06 -14.91 28.59
C GLY A 211 -30.58 -14.81 27.17
N ARG A 212 -30.64 -13.58 26.66
CA ARG A 212 -31.22 -13.30 25.36
C ARG A 212 -30.22 -12.68 24.38
N LEU A 213 -28.95 -12.65 24.77
CA LEU A 213 -27.91 -12.12 23.88
C LEU A 213 -27.15 -13.22 23.10
N SER A 214 -27.28 -13.20 21.77
CA SER A 214 -26.50 -14.13 20.96
C SER A 214 -25.18 -13.40 20.67
N VAL A 215 -24.08 -14.02 21.11
CA VAL A 215 -22.76 -13.45 20.79
C VAL A 215 -22.15 -14.30 19.65
N ALA A 216 -22.39 -13.88 18.42
CA ALA A 216 -21.97 -14.65 17.24
C ALA A 216 -20.50 -14.41 16.93
N MET A 217 -19.74 -15.49 16.85
CA MET A 217 -18.31 -15.36 16.62
C MET A 217 -18.14 -15.06 15.14
N MET A 218 -17.46 -13.97 14.85
CA MET A 218 -17.16 -13.62 13.50
C MET A 218 -15.70 -14.03 13.28
N GLY A 219 -15.52 -15.18 12.61
CA GLY A 219 -14.22 -15.81 12.44
C GLY A 219 -13.20 -14.94 11.74
N ARG A 220 -11.97 -15.41 11.77
CA ARG A 220 -10.82 -14.70 11.22
C ARG A 220 -10.81 -14.65 9.71
N GLY A 221 -11.70 -15.42 9.08
CA GLY A 221 -11.89 -15.35 7.63
C GLY A 221 -12.68 -14.11 7.17
N TYR A 222 -13.31 -13.39 8.11
CA TYR A 222 -14.00 -12.11 7.81
C TYR A 222 -13.06 -10.95 8.06
N ALA A 223 -13.27 -9.85 7.33
CA ALA A 223 -12.54 -8.61 7.59
C ALA A 223 -13.52 -7.61 8.21
N TRP A 224 -13.20 -7.15 9.41
CA TRP A 224 -13.94 -6.06 10.02
C TRP A 224 -12.94 -4.96 10.27
N LEU A 225 -13.03 -3.91 9.45
CA LEU A 225 -12.20 -2.74 9.61
C LEU A 225 -12.96 -1.51 10.12
N ASP A 226 -12.29 -0.74 10.97
CA ASP A 226 -12.72 0.63 11.18
C ASP A 226 -11.64 1.65 10.79
N THR A 227 -12.15 2.85 10.79
CA THR A 227 -11.54 3.96 10.12
C THR A 227 -10.99 4.85 11.19
N GLY A 228 -10.34 4.27 12.21
CA GLY A 228 -9.90 5.06 13.34
C GLY A 228 -8.73 6.04 13.25
N THR A 229 -7.82 5.83 12.30
CA THR A 229 -6.70 6.73 12.14
C THR A 229 -6.59 7.11 10.66
N HIS A 230 -5.71 8.06 10.39
CA HIS A 230 -5.42 8.35 9.00
C HIS A 230 -4.86 7.11 8.38
N GLN A 231 -3.95 6.44 9.09
CA GLN A 231 -3.37 5.23 8.46
C GLN A 231 -4.43 4.12 8.18
N SER A 232 -5.38 3.96 9.09
CA SER A 232 -6.38 2.87 8.99
C SER A 232 -7.24 3.14 7.76
N LEU A 233 -7.46 4.40 7.47
CA LEU A 233 -8.32 4.77 6.37
C LEU A 233 -7.62 4.38 5.08
N ILE A 234 -6.32 4.62 5.00
CA ILE A 234 -5.62 4.26 3.77
C ILE A 234 -5.59 2.74 3.69
N GLU A 235 -5.33 2.08 4.83
CA GLU A 235 -5.31 0.61 4.85
C GLU A 235 -6.65 0.02 4.37
N ALA A 236 -7.77 0.59 4.83
CA ALA A 236 -9.08 0.12 4.38
C ALA A 236 -9.24 0.33 2.85
N SER A 237 -8.88 1.54 2.39
CA SER A 237 -8.97 1.78 0.94
C SER A 237 -8.10 0.79 0.14
N ASN A 238 -6.87 0.52 0.59
CA ASN A 238 -5.98 -0.38 -0.20
C ASN A 238 -6.67 -1.75 -0.21
N PHE A 239 -7.29 -2.11 0.93
CA PHE A 239 -7.86 -3.47 1.09
C PHE A 239 -9.01 -3.66 0.11
N ILE A 240 -9.90 -2.67 0.07
CA ILE A 240 -10.99 -2.77 -0.88
C ILE A 240 -10.48 -2.67 -2.34
N ALA A 241 -9.46 -1.84 -2.61
CA ALA A 241 -8.99 -1.76 -4.02
C ALA A 241 -8.43 -3.08 -4.50
N THR A 242 -7.74 -3.79 -3.60
CA THR A 242 -7.12 -5.04 -3.97
C THR A 242 -8.16 -6.08 -4.33
N ILE A 243 -9.24 -6.13 -3.57
CA ILE A 243 -10.25 -7.15 -3.83
C ILE A 243 -10.95 -6.76 -5.15
N GLU A 244 -11.32 -5.50 -5.26
CA GLU A 244 -12.07 -5.12 -6.45
C GLU A 244 -11.27 -5.25 -7.74
N GLU A 245 -10.00 -4.85 -7.73
CA GLU A 245 -9.24 -4.92 -8.99
C GLU A 245 -8.90 -6.35 -9.34
N ARG A 246 -8.88 -7.20 -8.34
CA ARG A 246 -8.59 -8.59 -8.66
C ARG A 246 -9.82 -9.25 -9.31
N GLN A 247 -10.95 -9.00 -8.69
CA GLN A 247 -12.20 -9.63 -9.06
C GLN A 247 -12.98 -9.01 -10.22
N GLY A 248 -12.79 -7.71 -10.48
CA GLY A 248 -13.70 -7.03 -11.41
C GLY A 248 -15.08 -6.87 -10.79
N LEU A 249 -15.20 -7.05 -9.48
CA LEU A 249 -16.47 -6.89 -8.78
C LEU A 249 -16.29 -5.87 -7.65
N LYS A 250 -17.32 -5.13 -7.35
CA LYS A 250 -17.21 -4.10 -6.32
C LYS A 250 -17.67 -4.59 -4.95
N VAL A 251 -17.07 -4.03 -3.89
CA VAL A 251 -17.51 -4.29 -2.52
C VAL A 251 -18.40 -3.17 -2.05
N SER A 252 -19.61 -3.50 -1.57
CA SER A 252 -20.53 -2.49 -1.03
C SER A 252 -20.91 -1.42 -2.01
N CYS A 253 -21.25 -1.84 -3.22
CA CYS A 253 -21.88 -0.95 -4.18
C CYS A 253 -23.39 -1.02 -3.98
N PRO A 254 -23.99 0.00 -3.38
CA PRO A 254 -25.42 -0.05 -3.05
C PRO A 254 -26.30 -0.28 -4.28
N GLU A 255 -25.95 0.32 -5.42
CA GLU A 255 -26.78 0.15 -6.62
C GLU A 255 -26.74 -1.28 -7.03
N GLU A 256 -25.58 -1.89 -6.94
CA GLU A 256 -25.51 -3.30 -7.29
C GLU A 256 -26.30 -4.21 -6.32
N ILE A 257 -26.16 -4.00 -5.01
CA ILE A 257 -26.95 -4.77 -4.04
C ILE A 257 -28.48 -4.59 -4.23
N ALA A 258 -28.95 -3.37 -4.42
CA ALA A 258 -30.39 -3.13 -4.64
C ALA A 258 -30.85 -3.95 -5.83
N PHE A 259 -30.11 -3.87 -6.94
CA PHE A 259 -30.44 -4.64 -8.15
C PHE A 259 -30.44 -6.13 -7.90
N ARG A 260 -29.37 -6.65 -7.30
CA ARG A 260 -29.31 -8.08 -7.04
C ARG A 260 -30.38 -8.62 -6.09
N LYS A 261 -30.80 -7.81 -5.12
CA LYS A 261 -31.81 -8.21 -4.15
C LYS A 261 -33.23 -7.90 -4.60
N GLY A 262 -33.33 -7.39 -5.82
CA GLY A 262 -34.62 -7.07 -6.40
C GLY A 262 -35.24 -5.80 -5.84
N PHE A 263 -34.47 -4.94 -5.21
CA PHE A 263 -35.06 -3.67 -4.78
C PHE A 263 -35.45 -2.77 -5.95
N ILE A 264 -34.62 -2.77 -6.99
CA ILE A 264 -34.81 -1.93 -8.17
C ILE A 264 -34.61 -2.80 -9.39
N ASP A 265 -35.19 -2.38 -10.52
CA ASP A 265 -35.09 -3.20 -11.73
C ASP A 265 -34.06 -2.71 -12.73
N VAL A 266 -33.97 -3.39 -13.87
CA VAL A 266 -32.98 -3.05 -14.86
C VAL A 266 -33.11 -1.60 -15.31
N GLU A 267 -34.36 -1.19 -15.59
CA GLU A 267 -34.60 0.19 -15.99
C GLU A 267 -34.04 1.21 -14.99
N GLN A 268 -34.30 0.96 -13.71
CA GLN A 268 -33.81 1.87 -12.65
C GLN A 268 -32.31 1.93 -12.54
N VAL A 269 -31.65 0.78 -12.71
CA VAL A 269 -30.19 0.73 -12.60
C VAL A 269 -29.66 1.64 -13.70
N ARG A 270 -30.22 1.49 -14.90
CA ARG A 270 -29.73 2.27 -16.05
C ARG A 270 -29.82 3.80 -15.85
N LYS A 271 -30.93 4.21 -15.28
CA LYS A 271 -31.12 5.58 -14.86
C LYS A 271 -30.07 6.01 -13.85
N LEU A 272 -29.82 5.21 -12.82
CA LEU A 272 -28.78 5.57 -11.84
C LEU A 272 -27.41 5.66 -12.52
N ALA A 273 -27.23 4.90 -13.58
CA ALA A 273 -25.90 4.84 -14.18
C ALA A 273 -25.56 6.10 -15.00
N VAL A 274 -26.61 6.82 -15.40
CA VAL A 274 -26.39 7.95 -16.31
C VAL A 274 -25.44 9.01 -15.77
N PRO A 275 -25.68 9.53 -14.56
CA PRO A 275 -24.81 10.58 -14.01
C PRO A 275 -23.43 10.04 -13.74
N LEU A 276 -23.28 8.70 -13.76
CA LEU A 276 -22.00 8.11 -13.39
C LEU A 276 -21.36 7.49 -14.60
N ILE A 277 -22.08 7.57 -15.72
CA ILE A 277 -21.65 6.79 -16.89
C ILE A 277 -20.28 7.16 -17.46
N LYS A 278 -19.74 8.33 -17.13
CA LYS A 278 -18.47 8.70 -17.72
C LYS A 278 -17.25 8.11 -17.02
N ASN A 279 -17.45 7.32 -15.95
CA ASN A 279 -16.31 6.62 -15.34
C ASN A 279 -16.58 5.14 -15.09
N ASN A 280 -15.57 4.41 -14.57
CA ASN A 280 -15.70 2.98 -14.28
C ASN A 280 -16.94 2.61 -13.47
N TYR A 281 -17.37 3.50 -12.59
CA TYR A 281 -18.45 3.13 -11.64
C TYR A 281 -19.81 3.02 -12.39
N GLY A 282 -20.13 4.03 -13.19
CA GLY A 282 -21.32 3.95 -14.02
C GLY A 282 -21.23 2.81 -15.02
N GLN A 283 -20.05 2.63 -15.61
CA GLN A 283 -19.83 1.55 -16.57
C GLN A 283 -20.07 0.19 -15.92
N TYR A 284 -19.59 0.02 -14.70
CA TYR A 284 -19.87 -1.22 -13.97
C TYR A 284 -21.41 -1.42 -13.76
N LEU A 285 -22.12 -0.36 -13.41
CA LEU A 285 -23.53 -0.50 -13.24
C LEU A 285 -24.21 -0.86 -14.56
N TYR A 286 -23.79 -0.18 -15.61
CA TYR A 286 -24.38 -0.47 -16.92
C TYR A 286 -24.17 -1.94 -17.34
N LYS A 287 -22.92 -2.38 -17.31
CA LYS A 287 -22.53 -3.76 -17.66
C LYS A 287 -23.26 -4.83 -16.88
N MET A 288 -23.71 -4.48 -15.70
CA MET A 288 -24.33 -5.54 -14.94
C MET A 288 -25.77 -5.76 -15.37
N THR A 289 -26.29 -4.89 -16.20
CA THR A 289 -27.60 -5.06 -16.75
C THR A 289 -27.53 -5.81 -18.12
N LYS A 290 -26.33 -6.08 -18.62
CA LYS A 290 -26.18 -6.93 -19.81
C LYS A 290 -25.27 -8.11 -19.51
N ASP A 291 -25.11 -8.44 -18.22
CA ASP A 291 -24.14 -9.44 -17.76
C ASP A 291 -23.12 -8.79 -16.82
N LYS B 2 7.02 45.02 -9.44
CA LYS B 2 5.91 44.02 -9.37
C LYS B 2 6.13 43.00 -8.26
N MET B 3 5.03 42.41 -7.79
CA MET B 3 5.16 41.18 -6.99
C MET B 3 4.49 40.02 -7.72
N ARG B 4 4.56 38.82 -7.12
CA ARG B 4 3.96 37.64 -7.73
C ARG B 4 2.84 37.09 -6.85
N LYS B 5 1.62 37.10 -7.38
CA LYS B 5 0.45 36.60 -6.66
C LYS B 5 0.17 35.20 -7.15
N GLY B 6 -0.49 34.42 -6.30
CA GLY B 6 -0.75 33.04 -6.64
C GLY B 6 -2.20 32.79 -6.87
N ILE B 7 -2.46 31.74 -7.64
CA ILE B 7 -3.81 31.28 -7.94
C ILE B 7 -3.78 29.74 -7.85
N ILE B 8 -4.64 29.18 -7.01
CA ILE B 8 -4.76 27.72 -6.99
C ILE B 8 -6.09 27.43 -7.71
N LEU B 9 -6.03 26.67 -8.80
CA LEU B 9 -7.26 26.35 -9.52
C LEU B 9 -7.74 24.98 -9.05
N ALA B 10 -8.78 24.99 -8.22
CA ALA B 10 -9.32 23.79 -7.57
C ALA B 10 -10.77 23.58 -7.98
N GLY B 11 -11.02 23.57 -9.28
CA GLY B 11 -12.35 23.35 -9.80
C GLY B 11 -12.41 22.01 -10.47
N GLY B 12 -13.17 21.93 -11.54
CA GLY B 12 -13.25 20.65 -12.26
C GLY B 12 -14.61 20.04 -12.04
N SER B 13 -15.01 19.18 -12.98
CA SER B 13 -16.35 18.61 -12.97
C SER B 13 -16.41 17.57 -11.86
N GLY B 14 -15.28 16.89 -11.69
CA GLY B 14 -15.19 15.82 -10.70
C GLY B 14 -15.65 14.46 -11.19
N THR B 15 -16.18 14.39 -12.41
CA THR B 15 -16.81 13.16 -12.87
C THR B 15 -15.90 11.97 -12.83
N ARG B 16 -14.63 12.17 -13.10
CA ARG B 16 -13.71 11.05 -13.09
C ARG B 16 -13.71 10.29 -11.79
N LEU B 17 -14.04 10.98 -10.71
CA LEU B 17 -13.97 10.28 -9.44
C LEU B 17 -15.33 10.01 -8.82
N TYR B 18 -16.42 10.14 -9.58
CA TYR B 18 -17.74 9.90 -8.98
C TYR B 18 -17.81 8.46 -8.47
N PRO B 19 -18.57 8.14 -7.43
CA PRO B 19 -19.37 9.09 -6.66
C PRO B 19 -18.59 9.72 -5.47
N VAL B 20 -17.30 9.45 -5.37
CA VAL B 20 -16.53 10.04 -4.24
C VAL B 20 -16.70 11.57 -4.28
N THR B 21 -16.55 12.10 -5.48
CA THR B 21 -16.68 13.55 -5.65
C THR B 21 -18.11 14.07 -5.81
N MET B 22 -19.10 13.22 -5.61
CA MET B 22 -20.44 13.77 -5.46
C MET B 22 -20.56 14.18 -3.99
N ALA B 23 -19.75 13.53 -3.13
CA ALA B 23 -19.82 13.75 -1.69
C ALA B 23 -18.87 14.84 -1.24
N VAL B 24 -17.69 14.86 -1.86
CA VAL B 24 -16.61 15.71 -1.38
C VAL B 24 -15.86 16.29 -2.57
N SER B 25 -15.46 17.55 -2.51
CA SER B 25 -14.68 18.13 -3.64
C SER B 25 -13.38 17.39 -3.71
N LYS B 26 -12.86 17.24 -4.91
CA LYS B 26 -11.68 16.44 -5.12
C LYS B 26 -10.56 17.01 -4.27
N GLN B 27 -10.44 18.35 -4.25
CA GLN B 27 -9.29 18.96 -3.59
C GLN B 27 -9.42 19.08 -2.07
N LEU B 28 -10.51 18.56 -1.52
CA LEU B 28 -10.65 18.39 -0.07
C LEU B 28 -10.48 16.94 0.36
N LEU B 29 -10.21 16.06 -0.57
CA LEU B 29 -9.99 14.66 -0.21
C LEU B 29 -8.66 14.59 0.55
N PRO B 30 -8.56 13.67 1.51
CA PRO B 30 -7.31 13.54 2.25
C PRO B 30 -6.23 12.88 1.41
N ILE B 31 -5.03 13.39 1.58
CA ILE B 31 -3.83 12.71 1.11
C ILE B 31 -3.12 12.41 2.41
N TYR B 32 -3.31 11.18 2.85
CA TYR B 32 -2.91 10.82 4.20
C TYR B 32 -3.52 11.66 5.34
N ASP B 33 -2.80 12.66 5.85
CA ASP B 33 -3.21 13.38 7.06
C ASP B 33 -3.72 14.80 6.88
N LYS B 34 -3.94 15.23 5.64
CA LYS B 34 -4.38 16.63 5.47
C LYS B 34 -5.06 16.75 4.11
N PRO B 35 -5.96 17.72 3.97
CA PRO B 35 -6.68 17.86 2.70
C PRO B 35 -5.71 18.06 1.52
N MET B 36 -6.13 17.60 0.34
CA MET B 36 -5.30 17.66 -0.88
C MET B 36 -4.79 19.10 -1.09
N ILE B 37 -5.67 20.10 -0.97
CA ILE B 37 -5.28 21.47 -1.33
C ILE B 37 -4.15 22.02 -0.44
N TYR B 38 -3.87 21.41 0.71
CA TYR B 38 -2.73 21.81 1.53
C TYR B 38 -1.47 21.62 0.74
N TYR B 39 -1.43 20.70 -0.21
CA TYR B 39 -0.16 20.48 -0.89
C TYR B 39 0.26 21.58 -1.88
N PRO B 40 -0.56 21.87 -2.85
CA PRO B 40 -0.24 23.00 -3.77
C PRO B 40 -0.21 24.34 -3.02
N LEU B 41 -1.04 24.54 -2.00
CA LEU B 41 -0.90 25.72 -1.16
C LEU B 41 0.51 25.80 -0.58
N SER B 42 1.06 24.68 -0.15
CA SER B 42 2.40 24.73 0.42
C SER B 42 3.47 25.04 -0.62
N THR B 43 3.31 24.48 -1.82
CA THR B 43 4.20 24.81 -2.94
C THR B 43 4.30 26.34 -3.14
N LEU B 44 3.15 26.99 -3.24
CA LEU B 44 3.15 28.48 -3.43
C LEU B 44 3.80 29.15 -2.24
N MET B 45 3.52 28.72 -1.02
CA MET B 45 4.19 29.31 0.14
C MET B 45 5.70 29.16 0.03
N LEU B 46 6.12 27.98 -0.37
CA LEU B 46 7.56 27.73 -0.45
C LEU B 46 8.20 28.63 -1.50
N ALA B 47 7.41 29.01 -2.48
CA ALA B 47 7.88 30.00 -3.47
C ALA B 47 7.90 31.46 -2.95
N GLY B 48 7.42 31.66 -1.73
CA GLY B 48 7.36 32.99 -1.11
C GLY B 48 6.11 33.77 -1.48
N ILE B 49 5.05 33.06 -1.91
CA ILE B 49 3.85 33.71 -2.37
C ILE B 49 2.83 33.66 -1.25
N ARG B 50 2.45 34.82 -0.75
CA ARG B 50 1.55 34.92 0.40
C ARG B 50 0.13 35.39 0.09
N ASP B 51 -0.03 35.89 -1.13
CA ASP B 51 -1.29 36.48 -1.55
C ASP B 51 -1.83 35.56 -2.68
N ILE B 52 -2.90 34.85 -2.35
CA ILE B 52 -3.36 33.71 -3.14
C ILE B 52 -4.87 33.72 -3.37
N LEU B 53 -5.27 33.55 -4.63
CA LEU B 53 -6.66 33.45 -4.96
C LEU B 53 -6.99 31.98 -5.24
N ILE B 54 -7.98 31.48 -4.51
CA ILE B 54 -8.46 30.11 -4.70
C ILE B 54 -9.71 30.11 -5.59
N ILE B 55 -9.66 29.39 -6.70
CA ILE B 55 -10.79 29.32 -7.63
C ILE B 55 -11.41 27.90 -7.56
N SER B 56 -12.69 27.81 -7.23
CA SER B 56 -13.33 26.50 -7.38
C SER B 56 -14.69 26.64 -8.07
N THR B 57 -15.52 25.61 -8.00
CA THR B 57 -16.81 25.61 -8.66
C THR B 57 -17.80 26.37 -7.80
N PRO B 58 -19.00 26.53 -8.32
CA PRO B 58 -20.04 27.24 -7.57
C PRO B 58 -20.39 26.52 -6.27
N GLN B 59 -20.44 25.19 -6.29
CA GLN B 59 -20.83 24.44 -5.09
C GLN B 59 -19.66 24.33 -4.14
N ASP B 60 -18.47 24.17 -4.73
CA ASP B 60 -17.31 23.84 -3.92
C ASP B 60 -16.54 25.01 -3.36
N THR B 61 -16.50 26.13 -4.07
CA THR B 61 -15.70 27.25 -3.57
C THR B 61 -15.98 27.59 -2.11
N PRO B 62 -17.25 27.69 -1.75
CA PRO B 62 -17.57 28.04 -0.35
C PRO B 62 -17.03 27.02 0.66
N ARG B 63 -16.79 25.75 0.28
CA ARG B 63 -16.27 24.76 1.24
C ARG B 63 -14.77 25.01 1.49
N PHE B 64 -14.10 25.53 0.48
CA PHE B 64 -12.69 25.87 0.68
C PHE B 64 -12.64 27.07 1.60
N GLN B 65 -13.51 28.03 1.36
CA GLN B 65 -13.48 29.23 2.16
C GLN B 65 -13.80 28.81 3.59
N GLN B 66 -14.62 27.78 3.74
CA GLN B 66 -14.99 27.32 5.10
C GLN B 66 -13.84 26.67 5.85
N LEU B 67 -13.00 25.97 5.12
CA LEU B 67 -11.80 25.35 5.67
C LEU B 67 -10.72 26.38 5.98
N LEU B 68 -10.43 27.23 5.01
CA LEU B 68 -9.19 28.02 5.13
C LEU B 68 -9.34 29.49 5.56
N GLY B 69 -10.53 30.06 5.34
CA GLY B 69 -10.76 31.44 5.72
C GLY B 69 -9.92 32.39 4.88
N ASP B 70 -9.53 33.51 5.49
CA ASP B 70 -8.77 34.59 4.82
C ASP B 70 -7.26 34.36 4.98
N GLY B 71 -6.92 33.12 5.35
CA GLY B 71 -5.53 32.72 5.60
C GLY B 71 -4.70 33.51 6.62
N SER B 72 -5.30 34.53 7.23
CA SER B 72 -4.56 35.31 8.22
C SER B 72 -3.90 34.51 9.36
N GLN B 73 -4.51 33.41 9.79
CA GLN B 73 -3.87 32.58 10.81
C GLN B 73 -2.48 32.03 10.41
N TRP B 74 -2.19 31.98 9.11
CA TRP B 74 -0.88 31.46 8.64
C TRP B 74 -0.01 32.59 8.03
N GLY B 75 -0.43 33.84 8.21
CA GLY B 75 0.36 34.94 7.63
C GLY B 75 0.15 35.08 6.13
N LEU B 76 -1.00 34.63 5.63
CA LEU B 76 -1.34 34.72 4.18
C LEU B 76 -2.58 35.61 4.04
N ASN B 77 -2.88 35.97 2.78
CA ASN B 77 -4.15 36.54 2.45
C ASN B 77 -4.78 35.64 1.40
N LEU B 78 -5.87 34.97 1.75
CA LEU B 78 -6.51 34.09 0.80
C LEU B 78 -7.78 34.79 0.37
N GLN B 79 -8.09 34.65 -0.91
CA GLN B 79 -9.34 35.19 -1.46
C GLN B 79 -9.96 34.10 -2.30
N TYR B 80 -11.25 34.24 -2.63
CA TYR B 80 -11.92 33.21 -3.39
C TYR B 80 -12.73 33.75 -4.58
N LYS B 81 -12.78 32.96 -5.65
CA LYS B 81 -13.63 33.29 -6.79
C LYS B 81 -14.14 32.03 -7.48
N VAL B 82 -15.37 32.10 -7.99
CA VAL B 82 -16.00 30.96 -8.65
C VAL B 82 -15.68 30.91 -10.15
N GLN B 83 -15.36 29.72 -10.63
CA GLN B 83 -15.33 29.48 -12.06
C GLN B 83 -16.67 28.85 -12.36
N PRO B 84 -17.53 29.55 -13.07
CA PRO B 84 -18.89 29.06 -13.34
C PRO B 84 -18.97 27.65 -13.94
N SER B 85 -18.12 27.32 -14.91
CA SER B 85 -18.03 25.96 -15.46
C SER B 85 -16.58 25.68 -15.82
N PRO B 86 -16.22 24.41 -15.88
CA PRO B 86 -14.83 24.01 -16.09
C PRO B 86 -14.48 24.16 -17.55
N ASP B 87 -14.32 25.40 -17.98
CA ASP B 87 -14.13 25.61 -19.39
C ASP B 87 -12.68 25.86 -19.78
N GLY B 88 -11.72 25.42 -18.96
CA GLY B 88 -10.34 25.53 -19.37
C GLY B 88 -9.47 26.14 -18.28
N LEU B 89 -8.28 25.55 -18.10
CA LEU B 89 -7.32 26.08 -17.14
C LEU B 89 -7.02 27.56 -17.38
N ALA B 90 -7.00 27.97 -18.65
CA ALA B 90 -6.61 29.34 -18.95
C ALA B 90 -7.65 30.37 -18.49
N GLN B 91 -8.87 29.92 -18.21
CA GLN B 91 -9.88 30.81 -17.67
C GLN B 91 -9.50 31.35 -16.31
N ALA B 92 -8.54 30.72 -15.66
CA ALA B 92 -8.15 31.18 -14.34
C ALA B 92 -7.72 32.64 -14.40
N PHE B 93 -6.98 32.98 -15.45
CA PHE B 93 -6.46 34.33 -15.58
C PHE B 93 -7.54 35.35 -15.87
N ILE B 94 -8.60 34.94 -16.55
CA ILE B 94 -9.75 35.82 -16.80
C ILE B 94 -10.52 35.99 -15.49
N ILE B 95 -10.67 34.93 -14.73
CA ILE B 95 -11.37 35.06 -13.45
C ILE B 95 -10.55 35.89 -12.46
N GLY B 96 -9.25 35.71 -12.46
CA GLY B 96 -8.43 36.43 -11.48
C GLY B 96 -7.94 37.78 -12.02
N GLU B 97 -8.58 38.28 -13.07
CA GLU B 97 -8.09 39.53 -13.67
C GLU B 97 -7.90 40.58 -12.61
N GLU B 98 -8.98 40.90 -11.92
CA GLU B 98 -8.96 41.96 -10.92
C GLU B 98 -7.94 41.66 -9.83
N PHE B 99 -7.81 40.38 -9.42
CA PHE B 99 -6.88 39.98 -8.35
C PHE B 99 -5.42 40.23 -8.74
N ILE B 100 -5.08 39.89 -9.97
CA ILE B 100 -3.70 39.95 -10.42
C ILE B 100 -3.28 41.39 -10.68
N GLY B 101 -4.23 42.21 -11.12
CA GLY B 101 -3.90 43.60 -11.39
C GLY B 101 -2.77 43.64 -12.40
N GLY B 102 -1.74 44.37 -12.05
CA GLY B 102 -0.64 44.47 -12.98
C GLY B 102 0.52 43.58 -12.59
N ASP B 103 0.31 42.66 -11.64
CA ASP B 103 1.44 41.84 -11.14
C ASP B 103 1.72 40.55 -11.94
N ASP B 104 2.84 39.93 -11.63
CA ASP B 104 3.17 38.62 -12.16
C ASP B 104 2.31 37.60 -11.36
N CYS B 105 2.23 36.37 -11.85
CA CYS B 105 1.47 35.39 -11.09
C CYS B 105 2.07 34.00 -11.19
N ALA B 106 1.55 33.12 -10.34
CA ALA B 106 1.95 31.70 -10.39
C ALA B 106 0.63 30.94 -10.21
N LEU B 107 0.35 30.05 -11.14
CA LEU B 107 -0.87 29.26 -11.07
C LEU B 107 -0.50 27.83 -10.71
N VAL B 108 -1.17 27.21 -9.73
CA VAL B 108 -0.86 25.79 -9.47
C VAL B 108 -2.21 25.11 -9.41
N LEU B 109 -2.29 23.91 -9.97
CA LEU B 109 -3.50 23.16 -9.93
C LEU B 109 -3.68 22.62 -8.50
N GLY B 110 -4.94 22.64 -8.08
CA GLY B 110 -5.32 22.17 -6.75
C GLY B 110 -5.04 20.72 -6.41
N ASP B 111 -4.77 19.92 -7.43
CA ASP B 111 -4.49 18.50 -7.23
C ASP B 111 -3.06 18.15 -7.51
N ASN B 112 -2.21 19.16 -7.56
CA ASN B 112 -0.83 18.86 -7.86
C ASN B 112 0.02 18.78 -6.61
N ILE B 113 0.73 17.67 -6.46
CA ILE B 113 1.54 17.40 -5.28
C ILE B 113 2.98 17.20 -5.68
N PHE B 114 3.87 18.08 -5.20
CA PHE B 114 5.26 18.00 -5.60
C PHE B 114 6.03 17.67 -4.32
N TYR B 115 6.90 16.67 -4.38
CA TYR B 115 7.81 16.36 -3.26
C TYR B 115 9.27 16.23 -3.69
N GLY B 116 10.21 16.78 -2.91
CA GLY B 116 11.60 16.52 -3.21
C GLY B 116 12.60 17.52 -2.67
N HIS B 117 13.88 17.18 -2.79
CA HIS B 117 14.91 17.98 -2.17
C HIS B 117 15.17 19.28 -2.97
N ASP B 118 15.33 20.40 -2.25
CA ASP B 118 15.62 21.71 -2.87
C ASP B 118 14.55 22.22 -3.82
N LEU B 119 13.30 21.85 -3.57
CA LEU B 119 12.18 22.36 -4.37
C LEU B 119 12.20 23.91 -4.44
N PRO B 120 12.35 24.62 -3.35
CA PRO B 120 12.36 26.09 -3.47
C PRO B 120 13.44 26.62 -4.43
N LYS B 121 14.63 26.02 -4.38
CA LYS B 121 15.73 26.41 -5.29
C LYS B 121 15.36 26.04 -6.71
N LEU B 122 14.72 24.90 -6.89
CA LEU B 122 14.26 24.57 -8.23
C LEU B 122 13.39 25.67 -8.82
N MET B 123 12.46 26.16 -8.02
CA MET B 123 11.52 27.16 -8.49
C MET B 123 12.18 28.53 -8.60
N GLU B 124 13.26 28.74 -7.84
CA GLU B 124 13.79 30.11 -7.69
C GLU B 124 13.87 31.00 -8.94
N ALA B 125 14.58 30.50 -9.94
CA ALA B 125 14.74 31.18 -11.23
C ALA B 125 13.39 31.60 -11.82
N ALA B 126 12.47 30.64 -11.91
CA ALA B 126 11.12 30.93 -12.35
C ALA B 126 10.55 32.12 -11.58
N VAL B 127 10.50 31.99 -10.27
CA VAL B 127 9.96 33.03 -9.39
C VAL B 127 10.59 34.42 -9.64
N ASN B 128 11.91 34.42 -9.78
CA ASN B 128 12.72 35.61 -10.02
C ASN B 128 12.49 36.22 -11.39
N LYS B 129 12.05 35.42 -12.35
CA LYS B 129 11.99 35.87 -13.74
C LYS B 129 11.31 37.21 -13.95
N GLU B 130 12.01 38.06 -14.70
CA GLU B 130 11.61 39.42 -15.05
C GLU B 130 10.41 39.40 -15.97
N SER B 131 10.50 38.62 -17.04
CA SER B 131 9.42 38.52 -17.99
C SER B 131 9.36 37.14 -18.69
N GLY B 132 8.27 36.89 -19.42
CA GLY B 132 8.06 35.58 -20.00
C GLY B 132 7.27 34.63 -19.09
N ALA B 133 7.46 33.34 -19.31
CA ALA B 133 6.71 32.33 -18.57
C ALA B 133 7.67 31.20 -18.21
N THR B 134 7.36 30.44 -17.15
CA THR B 134 8.23 29.32 -16.78
C THR B 134 7.34 28.13 -16.45
N VAL B 135 7.61 27.01 -17.14
CA VAL B 135 6.92 25.74 -16.89
C VAL B 135 7.92 24.64 -16.48
N PHE B 136 7.39 23.52 -16.01
CA PHE B 136 8.24 22.41 -15.57
C PHE B 136 7.88 21.15 -16.32
N ALA B 137 8.88 20.44 -16.81
CA ALA B 137 8.70 19.22 -17.62
C ALA B 137 9.12 18.00 -16.77
N TYR B 138 8.30 16.95 -16.78
CA TYR B 138 8.63 15.82 -15.95
C TYR B 138 8.26 14.56 -16.74
N HIS B 139 9.21 13.64 -16.74
CA HIS B 139 9.11 12.42 -17.50
C HIS B 139 8.04 11.55 -16.88
N VAL B 140 7.09 11.07 -17.70
CA VAL B 140 6.01 10.22 -17.22
C VAL B 140 5.80 9.05 -18.17
N ASN B 141 5.02 8.07 -17.74
CA ASN B 141 4.83 6.96 -18.69
C ASN B 141 3.60 7.12 -19.57
N ASP B 142 2.76 8.10 -19.26
CA ASP B 142 1.50 8.33 -20.00
C ASP B 142 1.33 9.79 -20.44
N PRO B 143 2.26 10.26 -21.27
CA PRO B 143 2.32 11.69 -21.59
C PRO B 143 1.13 12.09 -22.38
N GLU B 144 0.39 11.11 -22.90
CA GLU B 144 -0.80 11.44 -23.67
C GLU B 144 -1.92 12.02 -22.81
N ARG B 145 -1.78 11.93 -21.48
CA ARG B 145 -2.76 12.54 -20.56
C ARG B 145 -2.56 14.06 -20.38
N TYR B 146 -1.40 14.54 -20.82
CA TYR B 146 -0.89 15.85 -20.50
C TYR B 146 -0.55 16.81 -21.67
N GLY B 147 -0.18 18.02 -21.30
CA GLY B 147 0.55 18.84 -22.25
C GLY B 147 1.96 18.27 -22.39
N VAL B 148 2.37 17.98 -23.64
CA VAL B 148 3.64 17.32 -23.91
C VAL B 148 4.62 18.25 -24.56
N VAL B 149 5.82 18.34 -24.02
CA VAL B 149 6.75 19.30 -24.58
C VAL B 149 7.82 18.53 -25.34
N GLU B 150 8.01 18.90 -26.60
CA GLU B 150 9.02 18.28 -27.44
C GLU B 150 10.32 19.06 -27.41
N PHE B 151 11.41 18.35 -27.17
CA PHE B 151 12.75 18.92 -27.13
C PHE B 151 13.59 18.47 -28.31
N ASP B 152 14.34 19.42 -28.86
CA ASP B 152 15.21 19.18 -30.01
C ASP B 152 16.40 18.40 -29.53
N LYS B 153 17.34 18.09 -30.42
CA LYS B 153 18.47 17.27 -30.01
C LYS B 153 19.42 17.97 -29.03
N ASN B 154 19.32 19.29 -28.97
CA ASN B 154 20.15 20.09 -28.07
C ASN B 154 19.51 20.37 -26.71
N GLY B 155 18.31 19.86 -26.50
CA GLY B 155 17.62 20.03 -25.22
C GLY B 155 16.83 21.32 -25.20
N THR B 156 16.44 21.78 -26.38
CA THR B 156 15.61 22.96 -26.50
C THR B 156 14.17 22.58 -26.76
N ALA B 157 13.23 23.25 -26.09
CA ALA B 157 11.82 22.96 -26.31
C ALA B 157 11.54 23.41 -27.71
N ILE B 158 10.77 22.63 -28.46
CA ILE B 158 10.47 23.05 -29.82
C ILE B 158 9.00 23.03 -30.13
N SER B 159 8.23 22.20 -29.42
CA SER B 159 6.78 22.18 -29.56
C SER B 159 6.05 21.83 -28.25
N LEU B 160 4.77 22.21 -28.18
CA LEU B 160 3.89 21.79 -27.10
C LEU B 160 2.59 21.34 -27.70
N GLU B 161 2.08 20.21 -27.21
CA GLU B 161 0.83 19.70 -27.68
C GLU B 161 0.06 19.18 -26.49
N GLU B 162 -1.23 19.49 -26.47
CA GLU B 162 -2.09 19.08 -25.40
C GLU B 162 -2.71 17.74 -25.72
N LYS B 163 -2.40 16.75 -24.90
CA LYS B 163 -3.04 15.42 -24.98
C LYS B 163 -3.04 14.99 -26.41
N PRO B 164 -1.85 14.79 -26.93
CA PRO B 164 -1.67 14.33 -28.31
C PRO B 164 -1.85 12.83 -28.37
N LEU B 165 -2.43 12.32 -29.45
CA LEU B 165 -2.58 10.89 -29.61
C LEU B 165 -1.27 10.24 -29.97
N GLU B 166 -0.35 11.02 -30.49
CA GLU B 166 0.96 10.50 -30.78
C GLU B 166 2.00 11.40 -30.15
N PRO B 167 2.26 11.23 -28.84
CA PRO B 167 3.20 12.10 -28.14
C PRO B 167 4.61 12.18 -28.70
N LYS B 168 5.10 13.41 -28.87
CA LYS B 168 6.46 13.56 -29.39
C LYS B 168 7.52 13.24 -28.42
N SER B 169 7.12 13.04 -27.15
CA SER B 169 8.06 12.70 -26.12
C SER B 169 7.34 12.29 -24.84
N ASN B 170 8.10 11.98 -23.81
CA ASN B 170 7.49 11.50 -22.57
C ASN B 170 7.51 12.53 -21.49
N TYR B 171 7.87 13.76 -21.87
CA TYR B 171 7.91 14.86 -20.91
C TYR B 171 6.58 15.58 -20.83
N ALA B 172 5.92 15.46 -19.68
CA ALA B 172 4.71 16.24 -19.43
C ALA B 172 5.01 17.58 -18.76
N VAL B 173 4.14 18.55 -19.02
CA VAL B 173 4.16 19.89 -18.38
C VAL B 173 3.34 19.78 -17.08
N THR B 174 3.98 20.04 -15.94
CA THR B 174 3.36 19.78 -14.64
C THR B 174 2.28 20.86 -14.44
N GLY B 175 1.59 20.80 -13.31
CA GLY B 175 0.51 21.74 -13.00
C GLY B 175 0.95 23.00 -12.23
N LEU B 176 2.21 23.40 -12.38
CA LEU B 176 2.68 24.60 -11.70
C LEU B 176 3.28 25.53 -12.77
N TYR B 177 2.75 26.76 -12.87
CA TYR B 177 3.14 27.64 -13.97
C TYR B 177 3.48 29.06 -13.47
N PHE B 178 4.51 29.69 -14.04
CA PHE B 178 4.84 31.04 -13.58
C PHE B 178 4.73 31.97 -14.79
N TYR B 179 4.16 33.16 -14.62
CA TYR B 179 3.90 33.99 -15.81
C TYR B 179 4.14 35.44 -15.45
N ASP B 180 4.47 36.22 -16.48
CA ASP B 180 4.50 37.68 -16.30
C ASP B 180 3.08 38.25 -16.42
N ASN B 181 2.91 39.57 -16.41
CA ASN B 181 1.56 40.16 -16.38
C ASN B 181 0.82 40.05 -17.71
N ASP B 182 1.58 39.66 -18.74
CA ASP B 182 1.06 39.41 -20.09
C ASP B 182 -0.01 38.34 -20.21
N VAL B 183 0.02 37.34 -19.33
CA VAL B 183 -0.90 36.20 -19.46
C VAL B 183 -2.40 36.54 -19.45
N VAL B 184 -2.80 37.54 -18.69
CA VAL B 184 -4.22 37.91 -18.62
C VAL B 184 -4.78 38.31 -19.97
N GLN B 185 -4.11 39.21 -20.65
CA GLN B 185 -4.60 39.68 -21.95
C GLN B 185 -4.52 38.51 -22.93
N MET B 186 -3.48 37.71 -22.79
CA MET B 186 -3.34 36.53 -23.63
C MET B 186 -4.55 35.63 -23.43
N ALA B 187 -4.91 35.39 -22.18
CA ALA B 187 -6.00 34.48 -21.93
C ALA B 187 -7.27 35.13 -22.45
N LYS B 188 -7.42 36.43 -22.21
CA LYS B 188 -8.65 37.12 -22.63
C LYS B 188 -8.90 37.05 -24.15
N ASN B 189 -7.83 36.92 -24.92
CA ASN B 189 -7.91 36.85 -26.37
C ASN B 189 -7.90 35.44 -26.96
N LEU B 190 -7.79 34.44 -26.10
CA LEU B 190 -7.74 33.06 -26.53
C LEU B 190 -9.08 32.62 -27.05
N LYS B 191 -9.06 31.70 -28.01
CA LYS B 191 -10.28 31.05 -28.46
C LYS B 191 -10.30 29.63 -27.94
N PRO B 192 -11.48 29.11 -27.71
CA PRO B 192 -11.61 27.73 -27.23
C PRO B 192 -11.12 26.75 -28.27
N SER B 193 -10.42 25.71 -27.83
CA SER B 193 -10.04 24.61 -28.73
C SER B 193 -11.29 23.93 -29.30
N ALA B 194 -11.07 23.00 -30.22
CA ALA B 194 -12.15 22.24 -30.82
C ALA B 194 -12.99 21.60 -29.73
N ARG B 195 -12.30 21.15 -28.67
CA ARG B 195 -12.91 20.45 -27.55
C ARG B 195 -13.62 21.39 -26.59
N GLY B 196 -13.62 22.68 -26.93
CA GLY B 196 -14.39 23.66 -26.18
C GLY B 196 -13.75 24.28 -24.92
N GLU B 197 -12.45 24.07 -24.73
CA GLU B 197 -11.76 24.60 -23.54
C GLU B 197 -10.77 25.72 -23.84
N LEU B 198 -10.61 26.67 -22.89
CA LEU B 198 -9.56 27.69 -22.97
C LEU B 198 -8.25 27.04 -22.42
N GLU B 199 -7.36 26.64 -23.31
CA GLU B 199 -6.19 25.80 -22.96
C GLU B 199 -4.95 26.53 -22.46
N ILE B 200 -4.42 26.12 -21.31
CA ILE B 200 -3.14 26.64 -20.83
C ILE B 200 -2.05 26.30 -21.84
N THR B 201 -2.19 25.18 -22.53
CA THR B 201 -1.16 24.78 -23.49
C THR B 201 -1.04 25.78 -24.64
N ASP B 202 -2.16 26.38 -25.01
CA ASP B 202 -2.18 27.41 -26.05
C ASP B 202 -1.51 28.67 -25.51
N ILE B 203 -1.80 29.05 -24.26
CA ILE B 203 -1.01 30.12 -23.63
C ILE B 203 0.48 29.80 -23.68
N ASN B 204 0.87 28.63 -23.20
CA ASN B 204 2.28 28.35 -23.25
C ASN B 204 2.92 28.36 -24.65
N ARG B 205 2.12 28.04 -25.67
CA ARG B 205 2.67 27.97 -27.01
C ARG B 205 2.99 29.38 -27.55
N ILE B 206 2.17 30.34 -27.15
CA ILE B 206 2.39 31.74 -27.45
C ILE B 206 3.71 32.21 -26.86
N TYR B 207 3.97 31.91 -25.59
CA TYR B 207 5.25 32.30 -25.03
C TYR B 207 6.40 31.62 -25.79
N LEU B 208 6.20 30.34 -26.12
CA LEU B 208 7.21 29.57 -26.85
C LEU B 208 7.47 30.31 -28.18
N GLU B 209 6.43 30.40 -28.98
CA GLU B 209 6.47 31.07 -30.31
C GLU B 209 7.16 32.42 -30.28
N GLN B 210 7.03 33.10 -29.16
CA GLN B 210 7.68 34.40 -28.97
C GLN B 210 9.11 34.27 -28.49
N GLY B 211 9.50 33.08 -28.06
CA GLY B 211 10.82 32.88 -27.53
C GLY B 211 10.91 33.24 -26.06
N ARG B 212 9.76 33.27 -25.40
CA ARG B 212 9.74 33.75 -24.03
C ARG B 212 9.42 32.65 -23.01
N LEU B 213 9.42 31.40 -23.46
CA LEU B 213 9.09 30.26 -22.58
C LEU B 213 10.29 29.49 -22.05
N SER B 214 10.50 29.54 -20.72
CA SER B 214 11.57 28.73 -20.15
C SER B 214 10.91 27.40 -19.74
N VAL B 215 11.55 26.31 -20.12
CA VAL B 215 11.06 24.99 -19.77
C VAL B 215 12.14 24.33 -18.89
N ALA B 216 11.87 24.27 -17.58
CA ALA B 216 12.86 23.79 -16.60
C ALA B 216 12.61 22.31 -16.37
N LEU B 217 13.67 21.54 -16.29
CA LEU B 217 13.44 20.10 -16.13
C LEU B 217 13.25 19.83 -14.65
N MET B 218 12.29 18.97 -14.34
CA MET B 218 12.03 18.55 -12.97
C MET B 218 12.51 17.10 -12.92
N GLY B 219 13.68 16.88 -12.32
CA GLY B 219 14.31 15.57 -12.40
C GLY B 219 13.60 14.38 -11.72
N ARG B 220 13.98 13.16 -12.11
CA ARG B 220 13.43 11.90 -11.54
C ARG B 220 13.58 11.76 -10.02
N GLY B 221 14.44 12.59 -9.43
CA GLY B 221 14.67 12.57 -7.99
C GLY B 221 13.51 13.29 -7.28
N TYR B 222 12.63 13.91 -8.04
CA TYR B 222 11.47 14.56 -7.44
C TYR B 222 10.28 13.66 -7.64
N ALA B 223 9.27 13.76 -6.77
CA ALA B 223 8.04 13.03 -7.02
C ALA B 223 6.93 14.05 -7.30
N TRP B 224 6.20 13.79 -8.40
CA TRP B 224 5.05 14.61 -8.79
C TRP B 224 3.87 13.64 -8.81
N LEU B 225 3.08 13.63 -7.73
CA LEU B 225 2.17 12.49 -7.45
C LEU B 225 0.90 12.57 -8.29
N ASP B 226 0.45 11.43 -8.79
CA ASP B 226 -0.71 11.42 -9.65
C ASP B 226 -1.97 11.43 -8.77
N THR B 227 -2.92 12.34 -8.99
CA THR B 227 -4.18 12.22 -8.24
C THR B 227 -5.33 12.02 -9.20
N GLY B 228 -5.05 11.56 -10.42
CA GLY B 228 -6.13 11.38 -11.37
C GLY B 228 -7.15 10.26 -11.12
N THR B 229 -6.71 9.14 -10.54
CA THR B 229 -7.60 8.01 -10.38
C THR B 229 -7.81 7.69 -8.90
N HIS B 230 -8.80 6.86 -8.57
CA HIS B 230 -8.90 6.43 -7.18
C HIS B 230 -7.64 5.70 -6.78
N GLN B 231 -7.15 4.84 -7.66
CA GLN B 231 -6.00 4.04 -7.23
C GLN B 231 -4.76 4.94 -6.98
N SER B 232 -4.57 5.92 -7.85
CA SER B 232 -3.44 6.84 -7.71
C SER B 232 -3.60 7.73 -6.47
N LEU B 233 -4.82 8.07 -6.07
CA LEU B 233 -5.04 8.78 -4.81
C LEU B 233 -4.53 7.97 -3.65
N ILE B 234 -4.92 6.70 -3.63
CA ILE B 234 -4.44 5.86 -2.56
C ILE B 234 -2.94 5.82 -2.58
N GLU B 235 -2.33 5.74 -3.78
CA GLU B 235 -0.88 5.61 -3.78
C GLU B 235 -0.29 6.93 -3.27
N ALA B 236 -0.90 8.06 -3.63
CA ALA B 236 -0.30 9.32 -3.20
C ALA B 236 -0.33 9.36 -1.67
N SER B 237 -1.45 8.91 -1.12
CA SER B 237 -1.58 8.86 0.35
C SER B 237 -0.56 7.98 0.98
N ASN B 238 -0.39 6.80 0.40
CA ASN B 238 0.60 5.83 0.91
C ASN B 238 1.99 6.46 0.87
N PHE B 239 2.27 7.18 -0.22
CA PHE B 239 3.62 7.73 -0.43
C PHE B 239 3.87 8.73 0.69
N ILE B 240 2.94 9.66 0.84
CA ILE B 240 3.14 10.67 1.92
C ILE B 240 3.24 10.02 3.31
N ALA B 241 2.38 9.04 3.60
CA ALA B 241 2.41 8.36 4.92
C ALA B 241 3.79 7.77 5.17
N THR B 242 4.32 7.10 4.16
CA THR B 242 5.62 6.45 4.31
C THR B 242 6.73 7.48 4.64
N ILE B 243 6.73 8.61 3.92
CA ILE B 243 7.68 9.65 4.24
C ILE B 243 7.48 10.08 5.68
N GLU B 244 6.26 10.53 6.00
CA GLU B 244 6.03 11.13 7.32
C GLU B 244 6.29 10.20 8.47
N GLU B 245 5.89 8.95 8.32
CA GLU B 245 6.03 8.05 9.43
C GLU B 245 7.49 7.65 9.61
N ARG B 246 8.27 7.77 8.54
CA ARG B 246 9.69 7.48 8.66
C ARG B 246 10.44 8.63 9.36
N GLN B 247 10.10 9.83 8.98
CA GLN B 247 10.75 11.04 9.45
C GLN B 247 10.25 11.55 10.77
N GLY B 248 8.98 11.31 11.10
CA GLY B 248 8.39 11.98 12.26
C GLY B 248 8.11 13.45 11.90
N LEU B 249 8.18 13.81 10.61
CA LEU B 249 7.95 15.20 10.14
C LEU B 249 6.81 15.17 9.13
N LYS B 250 6.16 16.30 8.88
CA LYS B 250 5.06 16.35 7.90
C LYS B 250 5.56 16.85 6.56
N VAL B 251 4.90 16.41 5.49
CA VAL B 251 5.15 16.96 4.15
C VAL B 251 4.05 17.98 3.91
N SER B 252 4.41 19.21 3.50
CA SER B 252 3.43 20.25 3.15
C SER B 252 2.44 20.61 4.25
N CYS B 253 2.96 20.90 5.44
CA CYS B 253 2.13 21.40 6.53
C CYS B 253 2.19 22.93 6.55
N PRO B 254 1.11 23.55 6.11
CA PRO B 254 1.19 25.00 5.89
C PRO B 254 1.64 25.75 7.16
N GLU B 255 1.19 25.36 8.36
CA GLU B 255 1.61 26.05 9.58
C GLU B 255 3.09 26.00 9.78
N GLU B 256 3.68 24.83 9.51
CA GLU B 256 5.12 24.62 9.67
C GLU B 256 5.84 25.51 8.68
N ILE B 257 5.38 25.51 7.43
CA ILE B 257 6.12 26.28 6.45
C ILE B 257 6.02 27.79 6.81
N ALA B 258 4.82 28.23 7.21
CA ALA B 258 4.67 29.66 7.52
C ALA B 258 5.60 30.05 8.66
N PHE B 259 5.68 29.19 9.67
CA PHE B 259 6.57 29.42 10.80
C PHE B 259 8.02 29.42 10.37
N ARG B 260 8.42 28.41 9.61
CA ARG B 260 9.85 28.31 9.27
C ARG B 260 10.29 29.41 8.31
N LYS B 261 9.36 29.94 7.53
CA LYS B 261 9.67 31.02 6.62
C LYS B 261 9.54 32.42 7.28
N GLY B 262 9.09 32.49 8.51
CA GLY B 262 8.86 33.80 9.11
C GLY B 262 7.55 34.54 8.76
N PHE B 263 6.59 33.84 8.16
CA PHE B 263 5.28 34.48 7.94
C PHE B 263 4.58 34.73 9.28
N ILE B 264 4.74 33.77 10.19
CA ILE B 264 4.15 33.87 11.53
C ILE B 264 5.23 33.56 12.55
N ASP B 265 4.93 33.85 13.82
CA ASP B 265 5.91 33.63 14.85
C ASP B 265 5.55 32.53 15.85
N VAL B 266 6.41 32.26 16.79
CA VAL B 266 6.18 31.13 17.69
C VAL B 266 4.89 31.33 18.49
N GLU B 267 4.65 32.57 18.87
CA GLU B 267 3.45 32.84 19.65
C GLU B 267 2.18 32.50 18.85
N GLN B 268 2.21 32.84 17.56
CA GLN B 268 1.06 32.52 16.69
C GLN B 268 0.93 31.00 16.58
N VAL B 269 2.05 30.31 16.43
CA VAL B 269 1.93 28.85 16.32
C VAL B 269 1.27 28.27 17.59
N ARG B 270 1.71 28.73 18.75
CA ARG B 270 1.15 28.22 20.01
C ARG B 270 -0.32 28.53 20.07
N LYS B 271 -0.70 29.74 19.64
CA LYS B 271 -2.11 30.08 19.66
C LYS B 271 -2.86 29.12 18.73
N LEU B 272 -2.26 28.77 17.59
CA LEU B 272 -2.92 27.79 16.67
C LEU B 272 -3.01 26.42 17.32
N ALA B 273 -1.95 26.02 18.00
CA ALA B 273 -1.90 24.63 18.47
C ALA B 273 -2.79 24.29 19.70
N VAL B 274 -2.86 25.19 20.68
CA VAL B 274 -3.56 24.87 21.94
C VAL B 274 -4.94 24.28 21.74
N PRO B 275 -5.79 24.99 21.02
CA PRO B 275 -7.13 24.50 20.74
C PRO B 275 -7.08 23.12 20.14
N LEU B 276 -5.95 22.72 19.55
CA LEU B 276 -5.87 21.41 18.82
C LEU B 276 -4.99 20.41 19.56
N ILE B 277 -4.68 20.76 20.81
CA ILE B 277 -3.66 20.03 21.52
C ILE B 277 -4.02 18.55 21.73
N LYS B 278 -5.30 18.20 21.67
CA LYS B 278 -5.70 16.80 21.87
C LYS B 278 -5.65 15.93 20.61
N ASN B 279 -5.28 16.52 19.47
CA ASN B 279 -5.11 15.69 18.29
C ASN B 279 -3.68 15.73 17.80
N ASN B 280 -3.26 14.70 17.08
CA ASN B 280 -1.86 14.59 16.70
C ASN B 280 -1.37 15.76 15.88
N TYR B 281 -2.25 16.31 15.06
CA TYR B 281 -1.84 17.44 14.26
C TYR B 281 -1.47 18.59 15.17
N GLY B 282 -2.28 18.81 16.20
CA GLY B 282 -1.99 19.93 17.08
C GLY B 282 -0.75 19.69 17.91
N GLN B 283 -0.41 18.43 18.21
CA GLN B 283 0.80 18.19 18.98
C GLN B 283 2.08 18.43 18.18
N TYR B 284 2.02 18.12 16.90
CA TYR B 284 3.11 18.39 15.98
C TYR B 284 3.31 19.90 15.95
N LEU B 285 2.22 20.66 15.84
CA LEU B 285 2.37 22.10 15.76
C LEU B 285 3.09 22.58 17.03
N TYR B 286 2.66 22.02 18.16
CA TYR B 286 3.10 22.55 19.46
C TYR B 286 4.53 22.12 19.68
N LYS B 287 4.83 20.89 19.33
CA LYS B 287 6.22 20.46 19.41
C LYS B 287 7.11 21.37 18.58
N GLN B 288 6.63 21.86 17.44
CA GLN B 288 7.60 22.64 16.64
C GLN B 288 8.10 23.89 17.35
N THR B 289 7.33 24.40 18.31
CA THR B 289 7.75 25.61 19.02
C THR B 289 8.77 25.29 20.12
N LYS B 290 8.74 24.04 20.58
CA LYS B 290 9.64 23.62 21.66
C LYS B 290 11.10 23.37 21.21
N ASP B 291 11.30 22.32 20.43
CA ASP B 291 12.63 21.98 19.93
C ASP B 291 12.50 21.05 18.76
N LYS C 2 43.51 3.22 -8.83
CA LYS C 2 42.84 3.53 -10.14
C LYS C 2 41.33 3.75 -9.94
N MET C 3 40.56 2.67 -9.97
CA MET C 3 39.15 2.75 -9.62
C MET C 3 39.05 3.11 -8.12
N ARG C 4 38.09 3.95 -7.77
CA ARG C 4 37.81 4.13 -6.35
C ARG C 4 37.07 2.89 -5.80
N LYS C 5 37.19 2.65 -4.49
CA LYS C 5 36.74 1.37 -3.87
C LYS C 5 35.56 1.50 -2.91
N GLY C 6 34.77 0.44 -2.84
CA GLY C 6 33.59 0.44 -2.00
C GLY C 6 33.37 -0.99 -1.56
N ILE C 7 32.79 -1.14 -0.39
CA ILE C 7 32.38 -2.41 0.13
C ILE C 7 30.86 -2.38 0.31
N ILE C 8 30.17 -3.46 -0.09
CA ILE C 8 28.74 -3.62 0.31
C ILE C 8 28.69 -4.76 1.29
N LEU C 9 28.17 -4.51 2.48
CA LEU C 9 28.08 -5.49 3.51
C LEU C 9 26.66 -6.11 3.39
N ALA C 10 26.59 -7.33 2.85
CA ALA C 10 25.31 -7.94 2.46
C ALA C 10 25.26 -9.32 3.13
N GLY C 11 25.58 -9.30 4.41
CA GLY C 11 25.63 -10.50 5.23
C GLY C 11 24.55 -10.45 6.29
N GLY C 12 24.94 -10.66 7.54
CA GLY C 12 24.06 -10.64 8.69
C GLY C 12 23.22 -11.89 8.93
N SER C 13 22.60 -11.99 10.09
CA SER C 13 21.86 -13.22 10.28
C SER C 13 20.36 -12.99 10.02
N GLY C 14 19.95 -11.73 10.05
CA GLY C 14 18.57 -11.36 9.77
C GLY C 14 17.52 -11.93 10.69
N THR C 15 17.88 -12.13 11.97
CA THR C 15 16.97 -12.68 12.96
C THR C 15 15.64 -11.93 13.11
N ARG C 16 15.68 -10.61 12.99
CA ARG C 16 14.46 -9.84 13.16
C ARG C 16 13.45 -9.98 12.02
N LEU C 17 13.87 -10.54 10.89
CA LEU C 17 12.95 -10.80 9.80
C LEU C 17 12.57 -12.30 9.65
N TYR C 18 12.92 -13.15 10.61
CA TYR C 18 12.55 -14.58 10.55
C TYR C 18 11.02 -14.66 10.54
N PRO C 19 10.44 -15.69 9.90
CA PRO C 19 11.18 -16.70 9.12
C PRO C 19 11.46 -16.32 7.66
N VAL C 20 11.09 -15.13 7.24
CA VAL C 20 11.39 -14.68 5.87
C VAL C 20 12.89 -14.91 5.56
N THR C 21 13.75 -14.46 6.46
CA THR C 21 15.19 -14.56 6.19
C THR C 21 15.84 -15.89 6.58
N MET C 22 15.04 -16.86 7.04
CA MET C 22 15.56 -18.22 7.10
C MET C 22 15.56 -18.73 5.64
N ALA C 23 14.63 -18.23 4.84
CA ALA C 23 14.52 -18.64 3.43
C ALA C 23 15.49 -17.91 2.46
N VAL C 24 15.63 -16.60 2.63
CA VAL C 24 16.36 -15.84 1.62
C VAL C 24 17.18 -14.75 2.31
N SER C 25 18.33 -14.47 1.73
CA SER C 25 19.13 -13.36 2.23
C SER C 25 18.31 -12.08 2.25
N LYS C 26 18.46 -11.28 3.29
CA LYS C 26 17.71 -10.04 3.43
C LYS C 26 18.02 -9.23 2.20
N GLN C 27 19.30 -9.22 1.81
CA GLN C 27 19.76 -8.39 0.69
C GLN C 27 19.40 -8.94 -0.69
N LEU C 28 18.73 -10.10 -0.72
CA LEU C 28 18.11 -10.60 -1.95
C LEU C 28 16.60 -10.46 -1.95
N LEU C 29 16.01 -9.94 -0.88
CA LEU C 29 14.59 -9.67 -0.96
C LEU C 29 14.31 -8.62 -2.02
N PRO C 30 13.12 -8.67 -2.60
CA PRO C 30 12.76 -7.66 -3.57
C PRO C 30 12.31 -6.38 -2.90
N ILE C 31 12.71 -5.28 -3.53
CA ILE C 31 12.12 -4.00 -3.26
C ILE C 31 11.44 -3.61 -4.58
N TYR C 32 10.17 -3.98 -4.70
CA TYR C 32 9.42 -3.86 -5.93
C TYR C 32 9.95 -4.78 -7.05
N ASP C 33 10.80 -4.27 -7.94
CA ASP C 33 11.11 -4.98 -9.19
C ASP C 33 12.58 -5.46 -9.26
N LYS C 34 13.33 -5.35 -8.14
CA LYS C 34 14.73 -5.74 -8.19
C LYS C 34 15.12 -6.18 -6.83
N PRO C 35 16.17 -6.98 -6.74
CA PRO C 35 16.70 -7.39 -5.42
C PRO C 35 17.22 -6.21 -4.60
N MET C 36 17.17 -6.31 -3.28
CA MET C 36 17.59 -5.23 -2.40
C MET C 36 19.02 -4.71 -2.67
N ILE C 37 19.96 -5.61 -2.91
CA ILE C 37 21.33 -5.21 -3.15
C ILE C 37 21.52 -4.30 -4.37
N TYR C 38 20.59 -4.28 -5.33
CA TYR C 38 20.74 -3.32 -6.45
C TYR C 38 20.74 -1.85 -5.97
N TYR C 39 20.05 -1.56 -4.86
CA TYR C 39 19.92 -0.17 -4.41
C TYR C 39 21.24 0.42 -3.86
N PRO C 40 21.88 -0.26 -2.91
CA PRO C 40 23.17 0.17 -2.38
C PRO C 40 24.25 0.05 -3.44
N LEU C 41 24.20 -0.96 -4.32
CA LEU C 41 25.16 -1.03 -5.42
C LEU C 41 25.02 0.21 -6.31
N SER C 42 23.81 0.60 -6.67
CA SER C 42 23.62 1.82 -7.45
C SER C 42 24.13 3.04 -6.76
N THR C 43 23.93 3.11 -5.43
CA THR C 43 24.46 4.29 -4.72
C THR C 43 25.99 4.44 -4.90
N LEU C 44 26.73 3.34 -4.75
CA LEU C 44 28.17 3.38 -4.97
C LEU C 44 28.49 3.80 -6.44
N MET C 45 27.75 3.24 -7.39
CA MET C 45 27.97 3.57 -8.77
C MET C 45 27.75 5.06 -9.00
N LEU C 46 26.69 5.62 -8.40
CA LEU C 46 26.40 7.05 -8.55
C LEU C 46 27.50 7.95 -7.95
N ALA C 47 28.20 7.46 -6.94
CA ALA C 47 29.36 8.16 -6.38
C ALA C 47 30.64 7.96 -7.21
N GLY C 48 30.52 7.25 -8.33
CA GLY C 48 31.64 7.03 -9.22
C GLY C 48 32.51 5.89 -8.77
N ILE C 49 31.98 5.04 -7.89
CA ILE C 49 32.82 3.95 -7.34
C ILE C 49 32.56 2.69 -8.14
N ARG C 50 33.61 2.10 -8.70
CA ARG C 50 33.47 0.97 -9.65
C ARG C 50 34.15 -0.30 -9.21
N ASP C 51 35.06 -0.20 -8.24
CA ASP C 51 35.75 -1.38 -7.74
C ASP C 51 35.13 -1.68 -6.38
N ILE C 52 34.32 -2.73 -6.34
CA ILE C 52 33.49 -2.97 -5.20
C ILE C 52 33.66 -4.38 -4.69
N LEU C 53 33.71 -4.49 -3.36
CA LEU C 53 33.86 -5.79 -2.73
C LEU C 53 32.51 -6.08 -2.04
N ILE C 54 31.90 -7.23 -2.38
CA ILE C 54 30.70 -7.65 -1.69
C ILE C 54 31.00 -8.70 -0.62
N ILE C 55 30.54 -8.46 0.61
CA ILE C 55 30.77 -9.42 1.66
C ILE C 55 29.40 -10.01 2.08
N SER C 56 29.29 -11.33 2.19
CA SER C 56 28.05 -11.90 2.69
C SER C 56 28.40 -13.19 3.53
N THR C 57 27.42 -14.04 3.81
CA THR C 57 27.63 -15.21 4.67
C THR C 57 28.19 -16.33 3.81
N PRO C 58 28.68 -17.39 4.45
CA PRO C 58 29.10 -18.59 3.72
C PRO C 58 28.00 -19.11 2.83
N GLN C 59 26.74 -19.14 3.27
CA GLN C 59 25.71 -19.62 2.35
C GLN C 59 25.32 -18.69 1.18
N ASP C 60 25.26 -17.39 1.42
CA ASP C 60 24.74 -16.53 0.34
C ASP C 60 25.77 -15.81 -0.55
N THR C 61 27.05 -15.80 -0.16
CA THR C 61 28.04 -15.23 -1.09
C THR C 61 27.90 -15.79 -2.48
N PRO C 62 27.75 -17.10 -2.61
CA PRO C 62 27.64 -17.69 -3.94
C PRO C 62 26.44 -17.24 -4.73
N ARG C 63 25.35 -16.97 -4.03
CA ARG C 63 24.13 -16.54 -4.66
C ARG C 63 24.28 -15.06 -5.14
N PHE C 64 25.03 -14.25 -4.40
CA PHE C 64 25.34 -12.91 -4.94
C PHE C 64 26.30 -12.97 -6.13
N GLN C 65 27.26 -13.86 -6.04
CA GLN C 65 28.13 -14.09 -7.18
C GLN C 65 27.29 -14.52 -8.40
N GLN C 66 26.26 -15.35 -8.20
CA GLN C 66 25.45 -15.81 -9.34
C GLN C 66 24.64 -14.67 -9.89
N LEU C 67 24.18 -13.80 -9.00
CA LEU C 67 23.32 -12.71 -9.46
C LEU C 67 24.16 -11.67 -10.22
N LEU C 68 25.36 -11.36 -9.71
CA LEU C 68 26.10 -10.20 -10.22
C LEU C 68 27.42 -10.52 -10.93
N GLY C 69 27.94 -11.73 -10.78
CA GLY C 69 29.17 -12.07 -11.51
C GLY C 69 30.33 -11.16 -11.13
N ASP C 70 31.28 -10.98 -12.05
CA ASP C 70 32.45 -10.16 -11.76
C ASP C 70 32.22 -8.70 -12.03
N GLY C 71 31.06 -8.39 -12.58
CA GLY C 71 30.68 -7.00 -12.77
C GLY C 71 31.08 -6.37 -14.10
N SER C 72 31.92 -7.04 -14.91
CA SER C 72 32.44 -6.42 -16.15
C SER C 72 31.35 -6.10 -17.11
N GLN C 73 30.28 -6.89 -17.01
CA GLN C 73 29.09 -6.66 -17.84
C GLN C 73 28.55 -5.24 -17.67
N TRP C 74 28.73 -4.63 -16.51
CA TRP C 74 28.22 -3.26 -16.29
C TRP C 74 29.42 -2.32 -16.05
N GLY C 75 30.60 -2.78 -16.43
CA GLY C 75 31.78 -1.88 -16.39
C GLY C 75 32.33 -1.74 -14.99
N LEU C 76 32.01 -2.72 -14.16
CA LEU C 76 32.43 -2.70 -12.78
C LEU C 76 33.45 -3.80 -12.56
N ASN C 77 34.13 -3.72 -11.42
CA ASN C 77 35.00 -4.80 -10.96
C ASN C 77 34.39 -5.23 -9.65
N LEU C 78 33.71 -6.35 -9.64
CA LEU C 78 33.22 -6.86 -8.37
C LEU C 78 34.04 -8.04 -7.90
N GLN C 79 34.27 -8.10 -6.60
CA GLN C 79 34.90 -9.28 -6.01
C GLN C 79 34.13 -9.62 -4.77
N TYR C 80 34.49 -10.72 -4.13
CA TYR C 80 33.67 -11.25 -3.04
C TYR C 80 34.45 -11.78 -1.87
N LYS C 81 33.87 -11.65 -0.70
CA LYS C 81 34.53 -12.25 0.43
C LYS C 81 33.48 -12.73 1.38
N VAL C 82 33.79 -13.84 2.05
CA VAL C 82 32.82 -14.38 3.00
C VAL C 82 33.10 -13.84 4.37
N GLN C 83 32.05 -13.44 5.10
CA GLN C 83 32.22 -13.08 6.52
C GLN C 83 31.73 -14.32 7.30
N PRO C 84 32.64 -15.03 7.95
CA PRO C 84 32.30 -16.33 8.54
C PRO C 84 31.14 -16.25 9.55
N SER C 85 31.09 -15.20 10.34
CA SER C 85 29.96 -14.98 11.25
C SER C 85 29.67 -13.48 11.33
N PRO C 86 28.44 -13.13 11.66
CA PRO C 86 27.94 -11.75 11.56
C PRO C 86 28.41 -10.93 12.74
N ASP C 87 29.71 -10.70 12.80
CA ASP C 87 30.29 -10.11 13.96
C ASP C 87 30.50 -8.59 13.88
N GLY C 88 29.71 -7.91 13.07
CA GLY C 88 29.69 -6.46 13.18
C GLY C 88 30.08 -5.75 11.90
N LEU C 89 29.53 -4.56 11.71
CA LEU C 89 29.80 -3.83 10.49
C LEU C 89 31.27 -3.56 10.27
N ALA C 90 31.97 -3.29 11.35
CA ALA C 90 33.33 -2.81 11.28
C ALA C 90 34.27 -3.95 10.88
N GLN C 91 33.77 -5.18 10.91
CA GLN C 91 34.68 -6.24 10.51
C GLN C 91 34.83 -6.13 9.00
N ALA C 92 33.96 -5.33 8.35
CA ALA C 92 34.08 -5.17 6.89
C ALA C 92 35.51 -4.78 6.52
N PHE C 93 36.12 -3.92 7.32
CA PHE C 93 37.45 -3.37 7.04
C PHE C 93 38.62 -4.38 7.29
N ILE C 94 38.41 -5.30 8.21
CA ILE C 94 39.35 -6.36 8.46
C ILE C 94 39.32 -7.39 7.34
N ILE C 95 38.11 -7.89 7.04
CA ILE C 95 37.91 -8.80 5.94
C ILE C 95 38.35 -8.16 4.65
N GLY C 96 38.07 -6.87 4.48
CA GLY C 96 38.49 -6.17 3.26
C GLY C 96 39.88 -5.54 3.22
N GLU C 97 40.70 -5.78 4.24
CA GLU C 97 42.00 -5.10 4.32
C GLU C 97 42.81 -5.22 3.03
N GLU C 98 42.86 -6.43 2.47
CA GLU C 98 43.66 -6.67 1.28
C GLU C 98 43.10 -6.00 0.04
N PHE C 99 41.77 -6.09 -0.14
CA PHE C 99 41.10 -5.31 -1.16
C PHE C 99 41.38 -3.81 -1.08
N ILE C 100 41.25 -3.25 0.11
CA ILE C 100 41.37 -1.80 0.27
C ILE C 100 42.81 -1.33 0.01
N GLY C 101 43.78 -2.10 0.51
CA GLY C 101 45.17 -1.71 0.27
C GLY C 101 45.44 -0.40 1.03
N GLY C 102 46.02 0.59 0.36
CA GLY C 102 46.27 1.87 1.01
C GLY C 102 45.26 2.92 0.58
N ASP C 103 44.17 2.50 -0.03
CA ASP C 103 43.23 3.43 -0.62
C ASP C 103 42.14 3.93 0.34
N ASP C 104 41.45 4.99 -0.09
CA ASP C 104 40.22 5.42 0.57
C ASP C 104 39.19 4.30 0.30
N CYS C 105 38.09 4.28 1.07
CA CYS C 105 37.07 3.29 0.76
C CYS C 105 35.74 3.79 1.27
N ALA C 106 34.67 3.41 0.60
CA ALA C 106 33.34 3.68 1.15
C ALA C 106 32.77 2.35 1.62
N LEU C 107 31.89 2.40 2.61
CA LEU C 107 31.14 1.22 3.03
C LEU C 107 29.65 1.56 2.87
N VAL C 108 28.88 0.72 2.18
CA VAL C 108 27.43 0.83 2.18
C VAL C 108 26.77 -0.44 2.75
N LEU C 109 25.75 -0.28 3.60
CA LEU C 109 25.12 -1.46 4.16
C LEU C 109 24.27 -2.03 3.05
N GLY C 110 24.17 -3.36 2.99
CA GLY C 110 23.42 -3.94 1.89
C GLY C 110 21.92 -3.66 1.92
N ASP C 111 21.40 -3.08 3.02
CA ASP C 111 19.97 -2.80 3.14
C ASP C 111 19.57 -1.31 3.06
N ASN C 112 20.54 -0.49 2.65
CA ASN C 112 20.46 0.99 2.62
C ASN C 112 19.88 1.42 1.29
N ILE C 113 18.72 2.05 1.32
CA ILE C 113 18.07 2.51 0.07
C ILE C 113 17.84 4.00 0.14
N PHE C 114 18.51 4.77 -0.74
CA PHE C 114 18.30 6.25 -0.79
C PHE C 114 17.61 6.62 -2.05
N TYR C 115 16.70 7.62 -2.00
CA TYR C 115 16.07 8.10 -3.22
C TYR C 115 16.10 9.61 -3.05
N GLY C 116 16.34 10.30 -4.14
CA GLY C 116 16.19 11.73 -4.13
C GLY C 116 16.91 12.52 -5.19
N HIS C 117 16.65 13.82 -5.22
CA HIS C 117 17.21 14.72 -6.21
C HIS C 117 18.67 15.10 -5.90
N ASP C 118 19.57 15.00 -6.88
CA ASP C 118 20.96 15.42 -6.65
C ASP C 118 21.74 14.54 -5.66
N LEU C 119 21.35 13.28 -5.55
CA LEU C 119 22.12 12.40 -4.70
C LEU C 119 23.63 12.44 -4.98
N PRO C 120 24.08 12.37 -6.24
CA PRO C 120 25.54 12.42 -6.49
C PRO C 120 26.20 13.68 -5.96
N LYS C 121 25.55 14.81 -6.09
CA LYS C 121 26.10 16.04 -5.49
C LYS C 121 26.15 15.97 -3.95
N LEU C 122 25.16 15.34 -3.36
CA LEU C 122 25.14 15.20 -1.91
C LEU C 122 26.39 14.46 -1.51
N MET C 123 26.82 13.54 -2.36
CA MET C 123 27.92 12.64 -2.00
C MET C 123 29.26 13.18 -2.42
N GLU C 124 29.23 14.29 -3.17
CA GLU C 124 30.43 14.74 -3.89
C GLU C 124 31.57 15.12 -2.97
N ALA C 125 31.24 15.93 -1.98
CA ALA C 125 32.29 16.31 -1.02
C ALA C 125 32.82 15.09 -0.29
N ALA C 126 31.94 14.12 0.00
CA ALA C 126 32.45 13.01 0.82
C ALA C 126 33.46 12.21 -0.03
N VAL C 127 33.13 12.00 -1.29
CA VAL C 127 33.99 11.18 -2.12
C VAL C 127 35.35 11.87 -2.34
N ASN C 128 35.35 13.20 -2.27
CA ASN C 128 36.55 13.99 -2.57
C ASN C 128 37.39 14.40 -1.38
N LYS C 129 36.94 13.96 -0.21
CA LYS C 129 37.62 14.29 1.04
C LYS C 129 38.99 13.66 1.06
N GLU C 130 40.02 14.45 1.41
CA GLU C 130 41.37 13.88 1.48
C GLU C 130 41.60 13.13 2.77
N SER C 131 41.13 13.68 3.88
CA SER C 131 41.48 13.14 5.21
C SER C 131 40.24 13.08 6.09
N GLY C 132 39.98 11.93 6.70
CA GLY C 132 38.90 11.88 7.68
C GLY C 132 37.79 10.98 7.16
N ALA C 133 36.59 11.22 7.64
CA ALA C 133 35.45 10.38 7.28
C ALA C 133 34.21 11.27 7.09
N THR C 134 33.19 10.72 6.42
CA THR C 134 31.94 11.47 6.28
C THR C 134 30.77 10.50 6.44
N VAL C 135 29.79 10.88 7.23
CA VAL C 135 28.57 10.06 7.36
C VAL C 135 27.41 11.00 7.01
N PHE C 136 26.18 10.48 6.92
CA PHE C 136 25.06 11.32 6.52
C PHE C 136 24.02 11.17 7.60
N ALA C 137 23.43 12.29 8.02
CA ALA C 137 22.42 12.27 9.07
C ALA C 137 21.04 12.52 8.53
N TYR C 138 20.05 11.80 9.09
CA TYR C 138 18.67 11.87 8.60
C TYR C 138 17.71 11.83 9.80
N HIS C 139 16.83 12.81 9.85
CA HIS C 139 15.85 12.92 10.92
C HIS C 139 14.85 11.80 10.84
N VAL C 140 14.72 11.04 11.93
CA VAL C 140 13.74 9.98 12.02
C VAL C 140 12.84 10.11 13.27
N ASN C 141 11.71 9.39 13.32
CA ASN C 141 10.82 9.48 14.49
C ASN C 141 11.34 8.54 15.61
N ASP C 142 12.27 7.66 15.25
CA ASP C 142 12.73 6.60 16.19
C ASP C 142 14.26 6.49 16.29
N PRO C 143 14.92 7.57 16.72
CA PRO C 143 16.39 7.64 16.69
C PRO C 143 17.03 6.54 17.52
N GLU C 144 16.34 6.08 18.56
CA GLU C 144 16.88 5.07 19.45
C GLU C 144 17.23 3.72 18.77
N ARG C 145 16.83 3.53 17.52
CA ARG C 145 17.16 2.30 16.82
C ARG C 145 18.52 2.38 16.11
N TYR C 146 19.07 3.60 16.02
CA TYR C 146 20.19 3.89 15.14
C TYR C 146 21.35 4.47 15.91
N GLY C 147 22.44 4.70 15.19
CA GLY C 147 23.52 5.54 15.68
C GLY C 147 22.93 6.96 15.66
N VAL C 148 23.08 7.70 16.76
CA VAL C 148 22.47 9.05 16.80
C VAL C 148 23.52 10.12 16.94
N VAL C 149 23.45 11.09 16.03
CA VAL C 149 24.44 12.17 16.02
C VAL C 149 23.83 13.43 16.61
N GLU C 150 24.55 14.03 17.55
CA GLU C 150 24.12 15.27 18.23
C GLU C 150 24.98 16.44 17.79
N PHE C 151 24.33 17.61 17.66
CA PHE C 151 24.93 18.86 17.21
C PHE C 151 24.69 19.95 18.26
N ASP C 152 25.61 20.91 18.31
CA ASP C 152 25.45 22.07 19.17
C ASP C 152 24.64 23.14 18.42
N LYS C 153 24.50 24.30 19.04
CA LYS C 153 23.71 25.40 18.44
C LYS C 153 24.23 25.86 17.09
N ASN C 154 25.51 25.59 16.82
CA ASN C 154 26.12 25.94 15.54
C ASN C 154 26.19 24.79 14.54
N GLY C 155 25.46 23.72 14.79
CA GLY C 155 25.45 22.62 13.84
C GLY C 155 26.73 21.79 13.85
N THR C 156 27.52 21.96 14.90
CA THR C 156 28.73 21.13 15.06
C THR C 156 28.39 19.79 15.76
N ALA C 157 28.77 18.70 15.12
CA ALA C 157 28.57 17.35 15.65
C ALA C 157 29.43 17.21 16.87
N ILE C 158 28.80 16.90 18.00
CA ILE C 158 29.50 16.80 19.26
C ILE C 158 29.46 15.44 19.90
N SER C 159 28.54 14.60 19.45
CA SER C 159 28.52 13.27 20.05
C SER C 159 27.81 12.28 19.16
N LEU C 160 28.15 11.01 19.36
CA LEU C 160 27.63 9.96 18.54
C LEU C 160 27.45 8.74 19.43
N GLU C 161 26.22 8.27 19.58
CA GLU C 161 25.97 7.06 20.42
C GLU C 161 25.10 6.04 19.68
N GLU C 162 25.43 4.75 19.78
CA GLU C 162 24.67 3.67 19.12
C GLU C 162 23.52 3.27 20.05
N LYS C 163 22.34 3.35 19.49
CA LYS C 163 21.06 3.03 20.14
C LYS C 163 20.96 3.62 21.55
N PRO C 164 21.02 4.95 21.65
CA PRO C 164 21.01 5.58 22.98
C PRO C 164 19.70 5.36 23.73
N LEU C 165 19.82 5.10 25.02
CA LEU C 165 18.67 5.00 25.92
C LEU C 165 17.93 6.33 25.89
N GLU C 166 18.67 7.44 25.95
CA GLU C 166 18.05 8.75 25.82
C GLU C 166 18.67 9.53 24.62
N PRO C 167 18.13 9.38 23.43
CA PRO C 167 18.70 10.01 22.25
C PRO C 167 18.94 11.48 22.46
N LYS C 168 20.07 11.99 21.99
CA LYS C 168 20.37 13.42 22.11
C LYS C 168 19.81 14.29 20.99
N SER C 169 19.32 13.61 19.94
CA SER C 169 18.71 14.32 18.81
C SER C 169 17.80 13.33 18.11
N ASN C 170 17.13 13.75 17.07
CA ASN C 170 16.38 12.82 16.26
C ASN C 170 17.16 12.48 14.99
N TYR C 171 18.47 12.77 14.96
CA TYR C 171 19.18 12.52 13.70
C TYR C 171 19.87 11.18 13.73
N ALA C 172 19.43 10.26 12.87
CA ALA C 172 20.11 8.96 12.72
C ALA C 172 21.28 9.02 11.73
N VAL C 173 22.31 8.24 11.96
CA VAL C 173 23.39 8.16 10.99
C VAL C 173 23.04 7.01 10.01
N THR C 174 22.91 7.32 8.72
CA THR C 174 22.51 6.30 7.77
C THR C 174 23.59 5.26 7.49
N GLY C 175 23.26 4.31 6.60
CA GLY C 175 24.19 3.22 6.31
C GLY C 175 25.12 3.44 5.12
N LEU C 176 25.56 4.68 4.88
CA LEU C 176 26.53 4.98 3.81
C LEU C 176 27.65 5.75 4.51
N TYR C 177 28.89 5.31 4.36
CA TYR C 177 30.01 5.89 5.07
C TYR C 177 31.17 6.04 4.11
N PHE C 178 31.95 7.10 4.27
CA PHE C 178 33.13 7.27 3.41
C PHE C 178 34.33 7.43 4.35
N TYR C 179 35.40 6.70 4.07
CA TYR C 179 36.58 6.70 4.97
C TYR C 179 37.86 6.93 4.20
N ASP C 180 38.86 7.50 4.89
CA ASP C 180 40.23 7.48 4.33
C ASP C 180 40.85 6.13 4.72
N ASN C 181 42.16 5.98 4.55
CA ASN C 181 42.80 4.66 4.76
C ASN C 181 43.00 4.31 6.22
N ASP C 182 42.75 5.27 7.13
CA ASP C 182 42.98 5.05 8.53
C ASP C 182 42.00 4.05 9.16
N VAL C 183 40.87 3.85 8.49
CA VAL C 183 39.78 3.07 9.07
C VAL C 183 40.18 1.62 9.32
N VAL C 184 41.10 1.12 8.52
CA VAL C 184 41.48 -0.30 8.60
C VAL C 184 42.17 -0.57 9.96
N GLN C 185 43.12 0.27 10.30
CA GLN C 185 43.78 0.14 11.61
C GLN C 185 42.82 0.42 12.80
N MET C 186 41.87 1.35 12.64
CA MET C 186 40.91 1.55 13.71
C MET C 186 40.10 0.31 13.90
N ALA C 187 39.62 -0.26 12.81
CA ALA C 187 38.83 -1.50 12.90
C ALA C 187 39.50 -2.67 13.65
N LYS C 188 40.78 -2.83 13.40
CA LYS C 188 41.51 -3.96 13.97
C LYS C 188 41.69 -3.81 15.49
N ASN C 189 41.52 -2.59 15.97
CA ASN C 189 41.65 -2.32 17.40
C ASN C 189 40.34 -2.25 18.17
N LEU C 190 39.23 -2.45 17.48
CA LEU C 190 37.91 -2.40 18.10
C LEU C 190 37.65 -3.64 18.99
N LYS C 191 36.85 -3.46 20.05
CA LYS C 191 36.41 -4.59 20.86
C LYS C 191 34.89 -4.78 20.66
N PRO C 192 34.42 -5.99 20.90
CA PRO C 192 33.03 -6.32 20.60
C PRO C 192 31.97 -5.62 21.51
N SER C 193 30.78 -5.43 20.93
CA SER C 193 29.61 -4.72 21.50
C SER C 193 28.90 -5.59 22.53
N ALA C 194 27.97 -4.97 23.24
CA ALA C 194 27.08 -5.74 24.08
C ALA C 194 26.38 -6.75 23.17
N ARG C 195 26.29 -6.45 21.88
CA ARG C 195 25.53 -7.33 20.98
C ARG C 195 26.44 -8.31 20.27
N GLY C 196 27.70 -8.34 20.70
CA GLY C 196 28.68 -9.22 20.10
C GLY C 196 29.18 -8.82 18.70
N GLU C 197 29.20 -7.51 18.39
CA GLU C 197 29.60 -7.00 17.06
C GLU C 197 30.66 -5.86 17.15
N LEU C 198 31.56 -5.78 16.18
CA LEU C 198 32.49 -4.64 16.01
C LEU C 198 31.67 -3.52 15.31
N GLU C 199 31.50 -2.40 16.02
CA GLU C 199 30.49 -1.41 15.69
C GLU C 199 30.96 -0.23 14.83
N ILE C 200 30.22 0.04 13.78
CA ILE C 200 30.68 1.14 12.92
C ILE C 200 30.64 2.43 13.72
N THR C 201 29.72 2.50 14.67
CA THR C 201 29.67 3.71 15.51
C THR C 201 30.95 3.97 16.33
N ASP C 202 31.64 2.90 16.73
CA ASP C 202 32.95 3.08 17.41
C ASP C 202 34.02 3.60 16.44
N ILE C 203 33.98 3.15 15.19
CA ILE C 203 34.83 3.78 14.17
C ILE C 203 34.56 5.24 14.12
N ASN C 204 33.30 5.53 13.83
CA ASN C 204 32.89 6.93 13.71
C ASN C 204 33.23 7.83 14.89
N ARG C 205 33.08 7.29 16.11
CA ARG C 205 33.43 8.04 17.32
C ARG C 205 34.93 8.41 17.35
N ILE C 206 35.79 7.55 16.81
CA ILE C 206 37.22 7.84 16.77
C ILE C 206 37.45 9.03 15.86
N TYR C 207 36.93 8.98 14.65
CA TYR C 207 37.02 10.16 13.81
C TYR C 207 36.44 11.42 14.46
N LEU C 208 35.29 11.30 15.12
CA LEU C 208 34.71 12.50 15.76
C LEU C 208 35.70 13.06 16.80
N GLU C 209 36.30 12.15 17.55
CA GLU C 209 37.18 12.57 18.64
C GLU C 209 38.36 13.35 18.05
N GLN C 210 38.77 12.94 16.84
CA GLN C 210 39.91 13.58 16.20
C GLN C 210 39.54 14.89 15.49
N GLY C 211 38.25 15.26 15.50
CA GLY C 211 37.82 16.43 14.79
C GLY C 211 37.72 16.18 13.29
N ARG C 212 37.59 14.92 12.89
CA ARG C 212 37.68 14.57 11.47
C ARG C 212 36.45 13.89 10.91
N LEU C 213 35.33 13.97 11.63
CA LEU C 213 34.09 13.37 11.13
C LEU C 213 33.16 14.47 10.56
N SER C 214 32.89 14.37 9.28
CA SER C 214 31.93 15.26 8.63
C SER C 214 30.58 14.62 8.70
N VAL C 215 29.58 15.41 9.06
CA VAL C 215 28.24 14.88 9.13
C VAL C 215 27.42 15.68 8.14
N ALA C 216 27.18 15.07 6.99
CA ALA C 216 26.39 15.68 5.95
C ALA C 216 24.91 15.56 6.28
N MET C 217 24.18 16.66 6.23
CA MET C 217 22.74 16.58 6.55
C MET C 217 21.96 16.21 5.30
N MET C 218 21.24 15.11 5.39
CA MET C 218 20.37 14.69 4.31
C MET C 218 19.00 15.26 4.61
N GLY C 219 18.56 16.15 3.72
CA GLY C 219 17.32 16.90 3.84
C GLY C 219 16.05 16.08 3.78
N ARG C 220 14.94 16.67 4.22
CA ARG C 220 13.72 15.86 4.25
C ARG C 220 13.15 15.55 2.88
N GLY C 221 13.67 16.23 1.86
CA GLY C 221 13.26 15.91 0.52
C GLY C 221 13.88 14.61 0.00
N TYR C 222 14.76 13.98 0.77
CA TYR C 222 15.34 12.70 0.36
C TYR C 222 14.52 11.63 1.12
N ALA C 223 14.48 10.42 0.57
CA ALA C 223 13.91 9.36 1.36
C ALA C 223 14.96 8.32 1.61
N TRP C 224 15.01 7.88 2.86
CA TRP C 224 15.85 6.78 3.28
C TRP C 224 14.92 5.67 3.79
N LEU C 225 14.66 4.71 2.90
CA LEU C 225 13.62 3.70 3.09
C LEU C 225 14.06 2.72 4.18
N ASP C 226 13.12 2.41 5.06
CA ASP C 226 13.39 1.56 6.22
C ASP C 226 13.19 0.12 5.77
N THR C 227 14.17 -0.75 6.05
CA THR C 227 13.98 -2.15 5.64
C THR C 227 14.00 -3.04 6.85
N GLY C 228 13.79 -2.44 8.01
CA GLY C 228 13.96 -3.14 9.28
C GLY C 228 12.84 -4.07 9.73
N THR C 229 11.62 -3.91 9.23
CA THR C 229 10.53 -4.80 9.67
C THR C 229 9.79 -5.30 8.45
N HIS C 230 8.94 -6.32 8.65
CA HIS C 230 8.21 -6.81 7.49
C HIS C 230 7.36 -5.68 6.91
N GLN C 231 6.75 -4.89 7.78
CA GLN C 231 5.82 -3.86 7.30
C GLN C 231 6.59 -2.81 6.50
N SER C 232 7.73 -2.38 7.02
CA SER C 232 8.50 -1.34 6.35
C SER C 232 9.05 -1.82 5.02
N LEU C 233 9.32 -3.12 4.90
CA LEU C 233 9.79 -3.65 3.61
C LEU C 233 8.68 -3.47 2.61
N ILE C 234 7.44 -3.78 3.00
CA ILE C 234 6.32 -3.55 2.09
C ILE C 234 6.25 -2.05 1.70
N GLU C 235 6.36 -1.16 2.71
CA GLU C 235 6.31 0.27 2.39
C GLU C 235 7.41 0.65 1.37
N ALA C 236 8.61 0.14 1.61
CA ALA C 236 9.74 0.47 0.71
C ALA C 236 9.44 0.04 -0.70
N SER C 237 8.89 -1.17 -0.86
CA SER C 237 8.54 -1.63 -2.20
C SER C 237 7.47 -0.74 -2.82
N ASN C 238 6.43 -0.44 -2.04
CA ASN C 238 5.40 0.41 -2.56
C ASN C 238 5.94 1.78 -2.94
N PHE C 239 6.88 2.29 -2.15
CA PHE C 239 7.38 3.63 -2.42
C PHE C 239 8.08 3.62 -3.82
N ILE C 240 8.97 2.65 -3.99
CA ILE C 240 9.62 2.52 -5.32
C ILE C 240 8.61 2.33 -6.47
N ALA C 241 7.63 1.46 -6.29
CA ALA C 241 6.70 1.17 -7.37
C ALA C 241 5.97 2.46 -7.72
N THR C 242 5.62 3.26 -6.72
CA THR C 242 4.88 4.51 -6.99
C THR C 242 5.70 5.44 -7.89
N ILE C 243 6.98 5.60 -7.58
CA ILE C 243 7.88 6.45 -8.35
C ILE C 243 8.01 5.88 -9.78
N GLU C 244 8.28 4.57 -9.86
CA GLU C 244 8.51 3.99 -11.17
C GLU C 244 7.31 3.96 -12.10
N GLU C 245 6.14 3.63 -11.56
CA GLU C 245 4.98 3.51 -12.42
C GLU C 245 4.52 4.88 -12.87
N ARG C 246 4.83 5.90 -12.09
CA ARG C 246 4.44 7.24 -12.46
C ARG C 246 5.37 7.71 -13.58
N GLN C 247 6.67 7.47 -13.41
CA GLN C 247 7.67 8.01 -14.33
C GLN C 247 7.87 7.23 -15.60
N GLY C 248 7.54 5.94 -15.55
CA GLY C 248 8.01 5.07 -16.65
C GLY C 248 9.52 4.90 -16.63
N LEU C 249 10.15 5.19 -15.49
CA LEU C 249 11.59 5.04 -15.31
C LEU C 249 11.93 4.23 -14.04
N LYS C 250 13.03 3.50 -14.03
CA LYS C 250 13.45 2.75 -12.82
C LYS C 250 14.26 3.60 -11.85
N VAL C 251 14.19 3.27 -10.57
CA VAL C 251 15.08 3.82 -9.56
C VAL C 251 16.16 2.78 -9.34
N SER C 252 17.42 3.20 -9.36
CA SER C 252 18.49 2.26 -9.06
C SER C 252 18.61 1.00 -9.96
N CYS C 253 18.53 1.19 -11.26
CA CYS C 253 18.73 0.13 -12.23
C CYS C 253 20.24 0.20 -12.55
N PRO C 254 21.08 -0.72 -12.08
CA PRO C 254 22.52 -0.62 -12.32
C PRO C 254 22.91 -0.49 -13.81
N GLU C 255 22.19 -1.13 -14.73
CA GLU C 255 22.62 -1.12 -16.11
C GLU C 255 22.45 0.29 -16.60
N GLU C 256 21.36 0.91 -16.18
CA GLU C 256 21.07 2.22 -16.72
C GLU C 256 22.15 3.15 -16.18
N ILE C 257 22.47 3.04 -14.91
CA ILE C 257 23.43 3.98 -14.32
C ILE C 257 24.76 3.82 -15.04
N ALA C 258 25.14 2.56 -15.27
CA ALA C 258 26.40 2.30 -15.95
C ALA C 258 26.39 2.95 -17.33
N PHE C 259 25.28 2.80 -18.03
CA PHE C 259 25.17 3.36 -19.39
C PHE C 259 25.25 4.89 -19.33
N ARG C 260 24.54 5.50 -18.38
CA ARG C 260 24.50 6.96 -18.32
C ARG C 260 25.81 7.61 -17.82
N LYS C 261 26.56 6.90 -17.00
CA LYS C 261 27.85 7.39 -16.53
C LYS C 261 29.00 7.02 -17.48
N GLY C 262 28.64 6.32 -18.56
CA GLY C 262 29.62 5.96 -19.56
C GLY C 262 30.51 4.81 -19.15
N PHE C 263 30.10 3.99 -18.18
CA PHE C 263 30.93 2.83 -17.86
C PHE C 263 30.75 1.79 -19.01
N ILE C 264 29.56 1.74 -19.61
CA ILE C 264 29.34 0.80 -20.74
C ILE C 264 28.69 1.60 -21.81
N ASP C 265 28.76 1.10 -23.04
CA ASP C 265 28.23 1.83 -24.19
C ASP C 265 27.05 1.15 -24.90
N VAL C 266 26.22 1.91 -25.61
CA VAL C 266 25.00 1.33 -26.19
C VAL C 266 25.12 -0.10 -26.66
N GLU C 267 26.21 -0.47 -27.28
CA GLU C 267 26.30 -1.82 -27.86
C GLU C 267 26.26 -2.81 -26.70
N GLN C 268 26.89 -2.44 -25.60
CA GLN C 268 26.92 -3.36 -24.49
C GLN C 268 25.53 -3.42 -23.82
N VAL C 269 24.78 -2.32 -23.87
CA VAL C 269 23.48 -2.37 -23.20
C VAL C 269 22.61 -3.25 -24.07
N ARG C 270 22.70 -3.05 -25.38
CA ARG C 270 21.95 -3.92 -26.29
C ARG C 270 22.28 -5.38 -26.08
N LYS C 271 23.57 -5.71 -25.99
CA LYS C 271 23.99 -7.07 -25.62
C LYS C 271 23.33 -7.64 -24.34
N LEU C 272 23.25 -6.84 -23.28
CA LEU C 272 22.56 -7.30 -22.07
C LEU C 272 21.06 -7.48 -22.25
N ALA C 273 20.46 -6.58 -23.02
CA ALA C 273 19.04 -6.57 -23.17
C ALA C 273 18.47 -7.73 -24.00
N VAL C 274 19.18 -8.12 -25.06
CA VAL C 274 18.59 -9.05 -26.00
C VAL C 274 18.08 -10.36 -25.44
N PRO C 275 18.86 -10.96 -24.57
CA PRO C 275 18.50 -12.20 -23.91
C PRO C 275 17.45 -12.00 -22.84
N LEU C 276 17.02 -10.75 -22.62
CA LEU C 276 16.08 -10.44 -21.53
C LEU C 276 14.82 -9.74 -22.09
N ILE C 277 14.79 -9.52 -23.40
CA ILE C 277 13.68 -8.86 -24.06
C ILE C 277 12.36 -9.62 -23.86
N LYS C 278 12.44 -10.89 -23.51
CA LYS C 278 11.26 -11.67 -23.17
C LYS C 278 10.61 -11.18 -21.88
N ASN C 279 11.28 -10.32 -21.12
CA ASN C 279 10.68 -9.83 -19.86
C ASN C 279 10.72 -8.30 -19.73
N ASN C 280 9.97 -7.77 -18.78
CA ASN C 280 9.79 -6.33 -18.76
C ASN C 280 11.06 -5.57 -18.49
N TYR C 281 11.96 -6.19 -17.78
CA TYR C 281 13.22 -5.52 -17.44
C TYR C 281 14.11 -5.38 -18.67
N GLY C 282 14.22 -6.47 -19.43
CA GLY C 282 15.00 -6.38 -20.66
C GLY C 282 14.37 -5.42 -21.64
N GLN C 283 13.05 -5.33 -21.62
CA GLN C 283 12.39 -4.39 -22.54
C GLN C 283 12.78 -2.94 -22.18
N TYR C 284 12.79 -2.68 -20.88
CA TYR C 284 13.29 -1.39 -20.35
C TYR C 284 14.74 -1.12 -20.77
N LEU C 285 15.64 -2.08 -20.54
CA LEU C 285 17.06 -1.94 -20.93
C LEU C 285 17.19 -1.62 -22.40
N TYR C 286 16.37 -2.28 -23.21
CA TYR C 286 16.52 -2.12 -24.64
C TYR C 286 16.07 -0.72 -25.03
N LYS C 287 14.94 -0.31 -24.48
CA LYS C 287 14.38 1.02 -24.79
C LYS C 287 15.36 2.18 -24.54
N MET C 288 16.24 2.02 -23.56
CA MET C 288 17.18 3.07 -23.20
C MET C 288 17.97 3.47 -24.40
N THR C 289 18.26 2.49 -25.24
CA THR C 289 19.16 2.68 -26.39
C THR C 289 18.46 3.19 -27.64
N LYS C 290 17.25 3.70 -27.49
CA LYS C 290 16.57 4.36 -28.59
C LYS C 290 16.00 5.68 -28.07
N ASP C 291 14.80 6.07 -28.55
CA ASP C 291 14.16 7.29 -28.11
C ASP C 291 14.20 7.47 -26.60
N LYS D 2 0.00 -39.10 8.84
CA LYS D 2 0.27 -38.26 7.65
C LYS D 2 -0.22 -38.90 6.37
N MET D 3 -1.29 -39.68 6.51
CA MET D 3 -1.81 -40.52 5.43
C MET D 3 -2.36 -39.85 4.12
N ARG D 4 -3.17 -38.79 4.18
CA ARG D 4 -3.66 -38.12 2.94
C ARG D 4 -2.59 -37.23 2.29
N LYS D 5 -2.68 -37.07 0.95
CA LYS D 5 -1.53 -36.58 0.16
C LYS D 5 -1.82 -35.36 -0.73
N GLY D 6 -0.75 -34.58 -0.87
CA GLY D 6 -0.81 -33.34 -1.58
C GLY D 6 0.54 -33.06 -2.22
N ILE D 7 0.50 -32.29 -3.30
CA ILE D 7 1.75 -31.89 -3.95
C ILE D 7 1.71 -30.36 -4.08
N ILE D 8 2.79 -29.69 -3.68
CA ILE D 8 2.91 -28.25 -3.96
C ILE D 8 3.89 -28.15 -5.14
N LEU D 9 3.43 -27.55 -6.22
CA LEU D 9 4.33 -27.32 -7.34
C LEU D 9 4.96 -25.91 -7.17
N ALA D 10 6.26 -25.90 -6.92
CA ALA D 10 6.97 -24.68 -6.53
C ALA D 10 8.22 -24.46 -7.35
N GLY D 11 8.09 -24.61 -8.65
CA GLY D 11 9.21 -24.35 -9.55
C GLY D 11 8.82 -23.24 -10.52
N GLY D 12 9.07 -23.43 -11.81
CA GLY D 12 8.76 -22.40 -12.81
C GLY D 12 10.03 -21.78 -13.36
N SER D 13 9.90 -20.97 -14.42
CA SER D 13 11.07 -20.40 -15.08
C SER D 13 11.57 -19.17 -14.34
N GLY D 14 10.69 -18.52 -13.59
CA GLY D 14 11.06 -17.29 -12.92
C GLY D 14 11.46 -16.20 -13.90
N THR D 15 10.99 -16.31 -15.15
CA THR D 15 11.34 -15.30 -16.14
C THR D 15 10.61 -14.00 -15.94
N ARG D 16 9.33 -14.09 -15.61
CA ARG D 16 8.46 -12.91 -15.62
C ARG D 16 8.85 -11.90 -14.54
N LEU D 17 9.36 -12.42 -13.43
CA LEU D 17 9.82 -11.54 -12.33
C LEU D 17 11.29 -11.19 -12.36
N TYR D 18 12.00 -11.54 -13.43
CA TYR D 18 13.43 -11.22 -13.44
C TYR D 18 13.56 -9.72 -13.11
N PRO D 19 14.62 -9.32 -12.39
CA PRO D 19 15.66 -10.20 -11.84
C PRO D 19 15.46 -10.64 -10.40
N VAL D 20 14.30 -10.35 -9.83
CA VAL D 20 14.04 -10.74 -8.45
C VAL D 20 14.15 -12.26 -8.35
N THR D 21 13.74 -12.96 -9.41
CA THR D 21 13.83 -14.43 -9.35
C THR D 21 15.08 -14.96 -9.98
N MET D 22 16.08 -14.11 -10.17
CA MET D 22 17.34 -14.57 -10.82
C MET D 22 18.13 -15.47 -9.86
N ALA D 23 18.18 -15.12 -8.59
CA ALA D 23 18.87 -15.94 -7.61
C ALA D 23 17.97 -16.41 -6.46
N VAL D 24 16.69 -16.12 -6.55
CA VAL D 24 15.75 -16.56 -5.50
C VAL D 24 14.54 -17.21 -6.13
N SER D 25 14.06 -18.33 -5.58
CA SER D 25 12.82 -18.95 -6.06
C SER D 25 11.64 -18.05 -5.78
N LYS D 26 10.76 -17.91 -6.74
CA LYS D 26 9.60 -17.08 -6.51
C LYS D 26 8.92 -17.54 -5.21
N GLN D 27 8.85 -18.86 -4.96
CA GLN D 27 8.07 -19.41 -3.84
C GLN D 27 8.77 -19.33 -2.47
N LEU D 28 9.96 -18.76 -2.47
CA LEU D 28 10.58 -18.41 -1.18
C LEU D 28 10.50 -16.92 -0.88
N LEU D 29 10.09 -16.13 -1.86
CA LEU D 29 9.84 -14.69 -1.61
C LEU D 29 8.81 -14.49 -0.48
N PRO D 30 8.96 -13.41 0.29
CA PRO D 30 8.03 -13.11 1.37
C PRO D 30 6.71 -12.66 0.82
N ILE D 31 5.67 -13.02 1.54
CA ILE D 31 4.37 -12.37 1.40
C ILE D 31 4.15 -11.85 2.83
N TYR D 32 4.49 -10.56 3.02
CA TYR D 32 4.49 -9.90 4.31
C TYR D 32 5.49 -10.58 5.25
N ASP D 33 5.03 -11.49 6.12
CA ASP D 33 5.89 -11.98 7.23
C ASP D 33 6.33 -13.45 7.12
N LYS D 34 6.06 -14.10 6.00
CA LYS D 34 6.53 -15.46 5.80
C LYS D 34 6.73 -15.80 4.32
N PRO D 35 7.53 -16.83 4.07
CA PRO D 35 7.81 -17.22 2.68
C PRO D 35 6.49 -17.59 1.98
N MET D 36 6.46 -17.36 0.67
CA MET D 36 5.25 -17.54 -0.08
C MET D 36 4.72 -18.98 0.09
N ILE D 37 5.63 -19.96 0.11
CA ILE D 37 5.15 -21.34 0.11
C ILE D 37 4.38 -21.73 1.39
N TYR D 38 4.53 -20.97 2.47
CA TYR D 38 3.77 -21.27 3.69
C TYR D 38 2.25 -21.20 3.39
N TYR D 39 1.87 -20.39 2.42
CA TYR D 39 0.44 -20.18 2.15
C TYR D 39 -0.26 -21.41 1.55
N PRO D 40 0.24 -21.94 0.43
CA PRO D 40 -0.35 -23.18 -0.11
C PRO D 40 -0.09 -24.41 0.77
N LEU D 41 0.99 -24.41 1.54
CA LEU D 41 1.26 -25.50 2.48
C LEU D 41 0.19 -25.46 3.59
N SER D 42 -0.21 -24.25 3.99
CA SER D 42 -1.23 -24.13 5.02
C SER D 42 -2.55 -24.60 4.46
N THR D 43 -2.78 -24.29 3.20
CA THR D 43 -4.03 -24.67 2.58
C THR D 43 -4.18 -26.21 2.61
N LEU D 44 -3.14 -26.93 2.20
CA LEU D 44 -3.19 -28.39 2.24
C LEU D 44 -3.43 -28.88 3.69
N MET D 45 -2.75 -28.25 4.66
CA MET D 45 -2.91 -28.67 6.05
C MET D 45 -4.35 -28.48 6.50
N LEU D 46 -4.96 -27.38 6.06
CA LEU D 46 -6.35 -27.12 6.42
C LEU D 46 -7.29 -28.13 5.81
N ALA D 47 -6.85 -28.78 4.75
CA ALA D 47 -7.69 -29.78 4.10
C ALA D 47 -7.47 -31.10 4.81
N GLY D 48 -6.57 -31.11 5.79
CA GLY D 48 -6.31 -32.30 6.54
C GLY D 48 -5.22 -33.16 5.88
N ILE D 49 -4.46 -32.56 4.99
CA ILE D 49 -3.39 -33.34 4.31
C ILE D 49 -2.05 -33.17 5.02
N ARG D 50 -1.36 -34.27 5.37
CA ARG D 50 -0.12 -34.12 6.11
C ARG D 50 1.10 -34.72 5.39
N ASP D 51 0.85 -35.43 4.30
CA ASP D 51 1.95 -36.05 3.58
C ASP D 51 2.08 -35.24 2.31
N ILE D 52 3.19 -34.54 2.15
CA ILE D 52 3.22 -33.53 1.08
C ILE D 52 4.53 -33.61 0.36
N LEU D 53 4.42 -33.61 -0.95
CA LEU D 53 5.58 -33.58 -1.81
C LEU D 53 5.75 -32.14 -2.35
N ILE D 54 6.94 -31.58 -2.20
CA ILE D 54 7.25 -30.27 -2.74
C ILE D 54 8.12 -30.48 -3.97
N ILE D 55 7.66 -29.97 -5.11
CA ILE D 55 8.45 -30.09 -6.34
C ILE D 55 9.03 -28.75 -6.69
N SER D 56 10.35 -28.66 -6.93
CA SER D 56 10.92 -27.40 -7.38
C SER D 56 12.03 -27.60 -8.42
N THR D 57 12.79 -26.56 -8.69
CA THR D 57 13.78 -26.67 -9.76
C THR D 57 15.05 -27.32 -9.18
N PRO D 58 15.97 -27.71 -10.05
CA PRO D 58 17.23 -28.34 -9.60
C PRO D 58 17.97 -27.43 -8.64
N GLN D 59 17.92 -26.14 -8.88
CA GLN D 59 18.67 -25.31 -7.97
C GLN D 59 17.94 -24.98 -6.69
N ASP D 60 16.60 -24.84 -6.72
CA ASP D 60 15.85 -24.42 -5.54
C ASP D 60 15.29 -25.55 -4.65
N THR D 61 15.14 -26.74 -5.20
CA THR D 61 14.64 -27.82 -4.36
C THR D 61 15.36 -27.99 -3.05
N PRO D 62 16.68 -27.96 -3.09
CA PRO D 62 17.46 -28.09 -1.87
C PRO D 62 17.24 -26.92 -0.92
N ARG D 63 16.95 -25.71 -1.41
CA ARG D 63 16.66 -24.62 -0.52
C ARG D 63 15.40 -24.87 0.24
N PHE D 64 14.34 -25.33 -0.43
CA PHE D 64 13.15 -25.73 0.33
C PHE D 64 13.45 -26.77 1.38
N GLN D 65 14.20 -27.79 0.97
CA GLN D 65 14.52 -28.88 1.90
C GLN D 65 15.36 -28.40 3.12
N GLN D 66 16.20 -27.38 2.90
CA GLN D 66 16.99 -26.80 3.96
C GLN D 66 16.08 -26.03 4.92
N LEU D 67 15.12 -25.34 4.35
CA LEU D 67 14.16 -24.59 5.14
C LEU D 67 13.18 -25.44 5.96
N LEU D 68 12.55 -26.45 5.33
CA LEU D 68 11.43 -27.16 5.95
C LEU D 68 11.81 -28.57 6.45
N GLY D 69 12.89 -29.11 5.94
CA GLY D 69 13.37 -30.40 6.41
C GLY D 69 12.36 -31.50 6.08
N ASP D 70 12.24 -32.51 6.93
CA ASP D 70 11.26 -33.55 6.69
C ASP D 70 9.86 -33.26 7.23
N GLY D 71 9.65 -32.08 7.83
CA GLY D 71 8.27 -31.74 8.24
C GLY D 71 7.85 -32.30 9.58
N SER D 72 8.72 -33.13 10.16
CA SER D 72 8.35 -33.76 11.43
C SER D 72 8.19 -32.72 12.51
N GLN D 73 8.95 -31.64 12.43
CA GLN D 73 8.83 -30.59 13.46
C GLN D 73 7.43 -29.97 13.47
N TRP D 74 6.65 -30.16 12.40
CA TRP D 74 5.28 -29.65 12.31
C TRP D 74 4.29 -30.76 12.20
N GLY D 75 4.74 -31.99 12.48
CA GLY D 75 3.82 -33.10 12.46
C GLY D 75 3.42 -33.43 11.04
N LEU D 76 4.28 -33.09 10.07
CA LEU D 76 3.99 -33.40 8.69
C LEU D 76 5.01 -34.40 8.21
N ASN D 77 4.82 -34.90 6.98
CA ASN D 77 5.82 -35.71 6.31
C ASN D 77 6.05 -35.04 4.97
N LEU D 78 7.18 -34.33 4.86
CA LEU D 78 7.49 -33.62 3.63
C LEU D 78 8.52 -34.40 2.84
N GLN D 79 8.43 -34.37 1.53
CA GLN D 79 9.47 -34.93 0.67
C GLN D 79 9.53 -34.08 -0.56
N TYR D 80 10.61 -34.28 -1.31
CA TYR D 80 10.97 -33.36 -2.40
C TYR D 80 11.36 -34.07 -3.65
N LYS D 81 11.01 -33.47 -4.80
CA LYS D 81 11.49 -33.97 -6.07
C LYS D 81 11.77 -32.82 -6.99
N VAL D 82 12.73 -33.03 -7.89
CA VAL D 82 13.09 -31.97 -8.83
C VAL D 82 12.32 -32.03 -10.10
N GLN D 83 11.85 -30.87 -10.58
CA GLN D 83 11.31 -30.78 -11.92
C GLN D 83 12.42 -30.21 -12.79
N PRO D 84 13.04 -31.05 -13.63
CA PRO D 84 14.17 -30.63 -14.49
C PRO D 84 13.95 -29.33 -15.28
N SER D 85 12.78 -29.24 -15.89
CA SER D 85 12.38 -28.08 -16.72
C SER D 85 10.90 -27.81 -16.43
N PRO D 86 10.48 -26.57 -16.55
CA PRO D 86 9.08 -26.23 -16.25
C PRO D 86 8.22 -26.57 -17.44
N ASP D 87 7.97 -27.85 -17.62
CA ASP D 87 7.32 -28.31 -18.86
C ASP D 87 5.79 -28.34 -18.68
N GLY D 88 5.28 -27.89 -17.54
CA GLY D 88 3.84 -27.92 -17.40
C GLY D 88 3.33 -28.30 -16.05
N LEU D 89 2.23 -27.68 -15.63
CA LEU D 89 1.63 -28.06 -14.36
C LEU D 89 1.30 -29.58 -14.31
N ALA D 90 0.82 -30.19 -15.38
CA ALA D 90 0.45 -31.62 -15.25
C ALA D 90 1.61 -32.54 -14.98
N GLN D 91 2.78 -32.06 -15.34
CA GLN D 91 3.97 -32.84 -15.08
C GLN D 91 4.11 -33.17 -13.60
N ALA D 92 3.37 -32.46 -12.74
CA ALA D 92 3.46 -32.74 -11.30
C ALA D 92 3.05 -34.21 -11.00
N PHE D 93 2.10 -34.72 -11.75
CA PHE D 93 1.65 -36.07 -11.50
C PHE D 93 2.63 -37.14 -12.03
N ILE D 94 3.43 -36.80 -13.03
CA ILE D 94 4.46 -37.74 -13.55
C ILE D 94 5.66 -37.79 -12.63
N ILE D 95 6.11 -36.64 -12.14
CA ILE D 95 7.19 -36.55 -11.17
C ILE D 95 6.75 -37.15 -9.84
N GLY D 96 5.48 -36.91 -9.48
CA GLY D 96 4.96 -37.35 -8.21
C GLY D 96 4.35 -38.75 -8.29
N GLU D 97 4.52 -39.43 -9.44
CA GLU D 97 3.98 -40.79 -9.59
C GLU D 97 4.31 -41.69 -8.39
N GLU D 98 5.57 -41.79 -8.03
CA GLU D 98 5.91 -42.66 -6.90
C GLU D 98 5.27 -42.23 -5.55
N PHE D 99 5.32 -40.93 -5.28
CA PHE D 99 4.76 -40.35 -4.05
C PHE D 99 3.24 -40.63 -3.91
N ILE D 100 2.53 -40.55 -5.02
CA ILE D 100 1.10 -40.72 -5.01
C ILE D 100 0.73 -42.20 -4.77
N GLY D 101 1.36 -43.09 -5.52
CA GLY D 101 1.10 -44.51 -5.31
C GLY D 101 -0.31 -44.79 -5.77
N GLY D 102 -1.11 -45.47 -4.97
CA GLY D 102 -2.46 -45.80 -5.42
C GLY D 102 -3.45 -44.81 -4.85
N ASP D 103 -2.96 -43.71 -4.29
CA ASP D 103 -3.91 -42.84 -3.58
C ASP D 103 -4.54 -41.64 -4.31
N ASP D 104 -5.55 -41.06 -3.66
CA ASP D 104 -6.05 -39.77 -4.08
C ASP D 104 -4.94 -38.72 -3.89
N CYS D 105 -5.04 -37.59 -4.56
CA CYS D 105 -4.00 -36.57 -4.33
C CYS D 105 -4.55 -35.16 -4.63
N ALA D 106 -4.15 -34.17 -3.84
CA ALA D 106 -4.38 -32.75 -4.17
C ALA D 106 -3.13 -32.16 -4.82
N LEU D 107 -3.33 -31.11 -5.59
CA LEU D 107 -2.22 -30.33 -6.15
C LEU D 107 -2.58 -28.87 -5.81
N VAL D 108 -1.59 -28.13 -5.32
CA VAL D 108 -1.73 -26.68 -5.14
C VAL D 108 -0.50 -26.02 -5.71
N LEU D 109 -0.70 -24.91 -6.41
CA LEU D 109 0.41 -24.20 -6.97
C LEU D 109 1.09 -23.46 -5.86
N GLY D 110 2.42 -23.46 -5.91
CA GLY D 110 3.19 -22.84 -4.87
C GLY D 110 3.04 -21.34 -4.71
N ASP D 111 2.42 -20.68 -5.68
CA ASP D 111 2.23 -19.23 -5.62
C ASP D 111 0.78 -18.88 -5.41
N ASN D 112 0.00 -19.85 -4.99
CA ASN D 112 -1.44 -19.62 -4.79
C ASN D 112 -1.78 -19.32 -3.35
N ILE D 113 -2.43 -18.17 -3.15
CA ILE D 113 -2.77 -17.74 -1.78
C ILE D 113 -4.28 -17.59 -1.63
N PHE D 114 -4.87 -18.44 -0.80
CA PHE D 114 -6.28 -18.34 -0.54
C PHE D 114 -6.55 -17.80 0.87
N TYR D 115 -7.54 -16.90 1.01
CA TYR D 115 -7.98 -16.43 2.35
C TYR D 115 -9.49 -16.33 2.40
N GLY D 116 -10.12 -16.84 3.45
CA GLY D 116 -11.51 -16.46 3.72
C GLY D 116 -12.25 -17.41 4.66
N HIS D 117 -13.49 -17.08 4.95
CA HIS D 117 -14.21 -17.77 6.00
C HIS D 117 -14.67 -19.15 5.53
N ASP D 118 -14.46 -20.15 6.39
CA ASP D 118 -15.00 -21.47 6.15
C ASP D 118 -14.29 -22.19 5.00
N LEU D 119 -13.02 -21.86 4.80
CA LEU D 119 -12.27 -22.46 3.68
C LEU D 119 -12.24 -23.99 3.86
N PRO D 120 -11.95 -24.47 5.08
CA PRO D 120 -11.89 -25.94 5.25
C PRO D 120 -13.20 -26.60 4.85
N LYS D 121 -14.33 -26.02 5.22
CA LYS D 121 -15.63 -26.56 4.83
C LYS D 121 -15.81 -26.44 3.29
N LEU D 122 -15.37 -25.34 2.68
CA LEU D 122 -15.36 -25.21 1.22
C LEU D 122 -14.65 -26.39 0.53
N MET D 123 -13.53 -26.82 1.12
CA MET D 123 -12.70 -27.91 0.59
C MET D 123 -13.29 -29.31 0.92
N GLU D 124 -14.12 -29.39 1.95
CA GLU D 124 -14.55 -30.70 2.44
C GLU D 124 -15.15 -31.65 1.43
N ALA D 125 -16.16 -31.22 0.67
CA ALA D 125 -16.71 -32.13 -0.32
C ALA D 125 -15.62 -32.62 -1.26
N ALA D 126 -14.64 -31.76 -1.59
CA ALA D 126 -13.62 -32.20 -2.54
C ALA D 126 -12.74 -33.33 -1.96
N VAL D 127 -12.25 -33.12 -0.75
CA VAL D 127 -11.42 -34.14 -0.11
C VAL D 127 -12.15 -35.46 0.02
N ASN D 128 -13.45 -35.40 0.28
CA ASN D 128 -14.25 -36.57 0.55
C ASN D 128 -14.84 -37.23 -0.68
N LYS D 129 -14.68 -36.61 -1.84
CA LYS D 129 -15.20 -37.19 -3.09
C LYS D 129 -14.55 -38.57 -3.28
N GLU D 130 -15.35 -39.59 -3.58
CA GLU D 130 -14.86 -40.94 -3.77
C GLU D 130 -14.14 -41.10 -5.10
N SER D 131 -14.69 -40.53 -6.16
CA SER D 131 -14.03 -40.65 -7.44
C SER D 131 -14.27 -39.40 -8.24
N GLY D 132 -13.43 -39.19 -9.24
CA GLY D 132 -13.52 -37.99 -10.07
C GLY D 132 -12.54 -36.93 -9.58
N ALA D 133 -12.87 -35.67 -9.78
CA ALA D 133 -11.94 -34.59 -9.38
C ALA D 133 -12.81 -33.37 -8.99
N THR D 134 -12.19 -32.35 -8.37
CA THR D 134 -12.86 -31.11 -8.06
C THR D 134 -11.87 -29.97 -8.35
N VAL D 135 -12.36 -28.90 -8.91
CA VAL D 135 -11.55 -27.70 -9.08
C VAL D 135 -12.42 -26.57 -8.52
N PHE D 136 -11.90 -25.35 -8.46
CA PHE D 136 -12.72 -24.26 -7.87
C PHE D 136 -12.67 -23.11 -8.87
N ALA D 137 -13.83 -22.48 -9.12
CA ALA D 137 -13.96 -21.37 -10.04
C ALA D 137 -14.11 -20.03 -9.28
N TYR D 138 -13.42 -19.00 -9.75
CA TYR D 138 -13.37 -17.66 -9.12
C TYR D 138 -13.42 -16.56 -10.18
N HIS D 139 -14.35 -15.64 -10.01
CA HIS D 139 -14.55 -14.50 -10.93
C HIS D 139 -13.36 -13.55 -10.81
N VAL D 140 -12.74 -13.24 -11.94
CA VAL D 140 -11.64 -12.29 -11.92
C VAL D 140 -11.90 -11.26 -13.04
N ASN D 141 -11.09 -10.21 -13.10
CA ASN D 141 -11.33 -9.30 -14.22
C ASN D 141 -10.53 -9.56 -15.46
N ASP D 142 -9.59 -10.54 -15.40
CA ASP D 142 -8.71 -10.91 -16.54
C ASP D 142 -8.63 -12.42 -16.83
N PRO D 143 -9.78 -13.03 -17.07
CA PRO D 143 -9.88 -14.47 -17.19
C PRO D 143 -8.93 -14.98 -18.26
N GLU D 144 -8.59 -14.12 -19.20
CA GLU D 144 -7.72 -14.57 -20.30
C GLU D 144 -6.33 -15.03 -19.82
N ARG D 145 -6.03 -14.78 -18.54
CA ARG D 145 -4.76 -15.24 -18.03
C ARG D 145 -4.79 -16.67 -17.54
N TYR D 146 -5.97 -17.26 -17.43
CA TYR D 146 -6.14 -18.46 -16.64
C TYR D 146 -6.86 -19.51 -17.48
N GLY D 147 -7.00 -20.70 -16.89
CA GLY D 147 -7.96 -21.67 -17.36
C GLY D 147 -9.33 -21.06 -17.08
N VAL D 148 -10.16 -21.01 -18.11
CA VAL D 148 -11.47 -20.39 -18.01
C VAL D 148 -12.58 -21.44 -18.09
N VAL D 149 -13.48 -21.42 -17.11
CA VAL D 149 -14.60 -22.35 -17.14
C VAL D 149 -15.87 -21.72 -17.66
N GLU D 150 -16.45 -22.30 -18.73
CA GLU D 150 -17.71 -21.81 -19.32
C GLU D 150 -18.90 -22.50 -18.67
N PHE D 151 -19.98 -21.74 -18.49
CA PHE D 151 -21.12 -22.27 -17.77
C PHE D 151 -22.37 -22.16 -18.63
N ASP D 152 -23.22 -23.20 -18.60
CA ASP D 152 -24.51 -23.16 -19.30
C ASP D 152 -25.59 -22.34 -18.58
N LYS D 153 -26.74 -22.21 -19.26
CA LYS D 153 -27.90 -21.46 -18.78
C LYS D 153 -28.35 -21.85 -17.37
N ASN D 154 -28.25 -23.13 -17.02
CA ASN D 154 -28.42 -23.52 -15.62
C ASN D 154 -27.04 -23.27 -15.03
N GLY D 155 -26.67 -23.96 -13.95
CA GLY D 155 -25.34 -23.71 -13.43
C GLY D 155 -24.20 -24.62 -13.85
N THR D 156 -24.30 -25.23 -15.03
CA THR D 156 -23.39 -26.31 -15.37
C THR D 156 -22.16 -25.96 -16.18
N ALA D 157 -21.02 -26.42 -15.68
CA ALA D 157 -19.77 -26.27 -16.40
C ALA D 157 -19.94 -27.13 -17.61
N ILE D 158 -19.65 -26.54 -18.76
CA ILE D 158 -19.76 -27.22 -20.05
C ILE D 158 -18.48 -27.21 -20.86
N SER D 159 -17.56 -26.28 -20.58
CA SER D 159 -16.26 -26.26 -21.23
C SER D 159 -15.16 -25.60 -20.40
N LEU D 160 -13.92 -25.92 -20.73
CA LEU D 160 -12.74 -25.33 -20.09
C LEU D 160 -11.84 -24.97 -21.24
N GLU D 161 -11.06 -23.90 -21.12
CA GLU D 161 -10.10 -23.49 -22.15
C GLU D 161 -8.86 -22.87 -21.51
N GLU D 162 -7.64 -23.16 -21.96
CA GLU D 162 -6.49 -22.56 -21.27
C GLU D 162 -6.15 -21.22 -21.92
N LYS D 163 -6.16 -20.13 -21.15
CA LYS D 163 -5.76 -18.82 -21.64
C LYS D 163 -6.36 -18.46 -22.97
N PRO D 164 -7.67 -18.45 -23.01
CA PRO D 164 -8.40 -18.13 -24.23
C PRO D 164 -8.28 -16.66 -24.69
N LEU D 165 -8.17 -16.40 -25.99
CA LEU D 165 -8.20 -15.02 -26.50
C LEU D 165 -9.59 -14.40 -26.37
N GLU D 166 -10.62 -15.23 -26.53
CA GLU D 166 -11.99 -14.80 -26.35
C GLU D 166 -12.66 -15.55 -25.19
N PRO D 167 -12.23 -15.24 -23.97
CA PRO D 167 -12.80 -15.92 -22.81
C PRO D 167 -14.31 -16.04 -22.83
N LYS D 168 -14.82 -17.23 -22.48
CA LYS D 168 -16.26 -17.45 -22.48
C LYS D 168 -17.02 -17.04 -21.21
N SER D 169 -16.27 -16.75 -20.15
CA SER D 169 -16.85 -16.32 -18.89
C SER D 169 -15.73 -15.57 -18.14
N ASN D 170 -16.06 -15.02 -16.98
CA ASN D 170 -15.06 -14.38 -16.16
C ASN D 170 -14.63 -15.31 -15.03
N TYR D 171 -14.92 -16.60 -15.16
CA TYR D 171 -14.54 -17.53 -14.10
C TYR D 171 -13.24 -18.26 -14.40
N ALA D 172 -12.20 -17.97 -13.60
CA ALA D 172 -10.90 -18.63 -13.72
C ALA D 172 -10.84 -19.90 -12.85
N VAL D 173 -10.15 -20.92 -13.33
CA VAL D 173 -9.99 -22.07 -12.47
C VAL D 173 -8.78 -21.82 -11.53
N THR D 174 -8.96 -21.96 -10.23
CA THR D 174 -7.85 -21.55 -9.32
C THR D 174 -6.75 -22.61 -9.32
N GLY D 175 -5.65 -22.30 -8.65
CA GLY D 175 -4.55 -23.24 -8.59
C GLY D 175 -4.65 -24.28 -7.45
N LEU D 176 -5.87 -24.76 -7.12
CA LEU D 176 -6.01 -25.81 -6.11
C LEU D 176 -6.88 -26.89 -6.74
N TYR D 177 -6.42 -28.13 -6.75
CA TYR D 177 -7.10 -29.16 -7.52
C TYR D 177 -7.12 -30.45 -6.70
N PHE D 178 -8.21 -31.22 -6.78
CA PHE D 178 -8.29 -32.49 -6.08
C PHE D 178 -8.60 -33.57 -7.12
N TYR D 179 -7.93 -34.71 -6.99
CA TYR D 179 -8.03 -35.78 -7.96
C TYR D 179 -8.08 -37.12 -7.28
N ASP D 180 -8.81 -38.06 -7.88
CA ASP D 180 -8.63 -39.47 -7.52
C ASP D 180 -7.33 -40.01 -8.18
N ASN D 181 -7.10 -41.33 -8.11
CA ASN D 181 -5.82 -41.89 -8.56
C ASN D 181 -5.65 -41.99 -10.06
N ASP D 182 -6.74 -41.75 -10.78
CA ASP D 182 -6.72 -41.83 -12.23
C ASP D 182 -5.86 -40.75 -12.88
N VAL D 183 -5.55 -39.72 -12.10
CA VAL D 183 -4.83 -38.59 -12.73
C VAL D 183 -3.42 -38.94 -13.23
N VAL D 184 -2.78 -39.87 -12.56
CA VAL D 184 -1.39 -40.14 -12.92
C VAL D 184 -1.37 -40.65 -14.35
N GLN D 185 -2.25 -41.60 -14.65
CA GLN D 185 -2.26 -42.15 -16.01
C GLN D 185 -2.61 -41.08 -17.08
N MET D 186 -3.62 -40.24 -16.80
CA MET D 186 -3.97 -39.12 -17.67
C MET D 186 -2.76 -38.29 -17.98
N ALA D 187 -2.04 -37.95 -16.93
CA ALA D 187 -0.92 -37.07 -17.10
C ALA D 187 0.11 -37.75 -17.98
N LYS D 188 0.38 -39.01 -17.69
CA LYS D 188 1.39 -39.75 -18.43
C LYS D 188 1.01 -39.87 -19.92
N ASN D 189 -0.27 -39.79 -20.23
CA ASN D 189 -0.71 -39.89 -21.62
C ASN D 189 -0.91 -38.57 -22.35
N LEU D 190 -0.71 -37.44 -21.65
CA LEU D 190 -0.88 -36.13 -22.27
C LEU D 190 0.24 -35.74 -23.23
N LYS D 191 -0.06 -34.98 -24.27
CA LYS D 191 1.01 -34.38 -25.08
C LYS D 191 0.98 -32.88 -24.81
N PRO D 192 2.13 -32.20 -24.89
CA PRO D 192 2.16 -30.75 -24.64
C PRO D 192 1.20 -29.98 -25.55
N SER D 193 0.72 -28.82 -25.09
CA SER D 193 -0.13 -27.95 -25.89
C SER D 193 0.68 -27.11 -26.86
N ALA D 194 0.00 -26.13 -27.48
CA ALA D 194 0.62 -25.25 -28.46
C ALA D 194 1.54 -24.30 -27.75
N ARG D 195 1.46 -24.25 -26.41
CA ARG D 195 2.44 -23.44 -25.71
C ARG D 195 3.57 -24.30 -25.28
N GLY D 196 3.46 -25.59 -25.56
CA GLY D 196 4.57 -26.46 -25.23
C GLY D 196 4.52 -26.87 -23.77
N GLU D 197 3.31 -26.90 -23.22
CA GLU D 197 3.16 -27.28 -21.80
C GLU D 197 2.21 -28.43 -21.63
N LEU D 198 2.54 -29.32 -20.70
CA LEU D 198 1.57 -30.34 -20.27
C LEU D 198 0.55 -29.66 -19.32
N GLU D 199 -0.66 -29.49 -19.82
CA GLU D 199 -1.59 -28.54 -19.22
C GLU D 199 -2.51 -29.21 -18.21
N ILE D 200 -2.72 -28.54 -17.10
CA ILE D 200 -3.61 -29.10 -16.11
C ILE D 200 -5.05 -28.95 -16.65
N THR D 201 -5.29 -27.90 -17.45
CA THR D 201 -6.57 -27.71 -18.12
C THR D 201 -6.97 -28.94 -18.93
N ASP D 202 -5.97 -29.57 -19.57
CA ASP D 202 -6.23 -30.80 -20.32
C ASP D 202 -6.70 -31.97 -19.46
N ILE D 203 -6.02 -32.22 -18.35
CA ILE D 203 -6.52 -33.18 -17.37
C ILE D 203 -7.94 -32.83 -16.99
N ASN D 204 -8.18 -31.56 -16.65
CA ASN D 204 -9.52 -31.22 -16.16
C ASN D 204 -10.65 -31.43 -17.18
N ARG D 205 -10.32 -31.21 -18.43
CA ARG D 205 -11.28 -31.42 -19.51
C ARG D 205 -11.53 -32.93 -19.68
N ILE D 206 -10.48 -33.73 -19.57
CA ILE D 206 -10.71 -35.18 -19.50
C ILE D 206 -11.76 -35.57 -18.44
N TYR D 207 -11.57 -35.20 -17.18
CA TYR D 207 -12.61 -35.49 -16.21
C TYR D 207 -13.96 -34.86 -16.60
N LEU D 208 -13.92 -33.64 -17.10
CA LEU D 208 -15.18 -33.01 -17.47
C LEU D 208 -15.91 -33.83 -18.54
N GLU D 209 -15.21 -34.20 -19.58
CA GLU D 209 -15.84 -35.03 -20.62
C GLU D 209 -16.38 -36.37 -20.11
N GLN D 210 -15.73 -36.96 -19.09
CA GLN D 210 -16.21 -38.21 -18.47
C GLN D 210 -17.38 -38.00 -17.52
N GLY D 211 -17.74 -36.73 -17.30
CA GLY D 211 -18.77 -36.38 -16.35
C GLY D 211 -18.34 -36.61 -14.91
N ARG D 212 -17.05 -36.48 -14.62
CA ARG D 212 -16.58 -36.73 -13.26
C ARG D 212 -15.90 -35.50 -12.64
N LEU D 213 -16.05 -34.34 -13.27
CA LEU D 213 -15.48 -33.10 -12.71
C LEU D 213 -16.54 -32.28 -11.92
N SER D 214 -16.25 -32.02 -10.65
CA SER D 214 -17.03 -31.05 -9.87
C SER D 214 -16.37 -29.66 -10.00
N VAL D 215 -17.14 -28.65 -10.36
CA VAL D 215 -16.58 -27.26 -10.34
C VAL D 215 -17.27 -26.46 -9.23
N ALA D 216 -16.61 -26.35 -8.09
CA ALA D 216 -17.16 -25.65 -6.94
C ALA D 216 -16.92 -24.16 -7.10
N MET D 217 -17.92 -23.35 -6.76
CA MET D 217 -17.75 -21.90 -6.92
C MET D 217 -17.04 -21.42 -5.65
N MET D 218 -16.10 -20.52 -5.84
CA MET D 218 -15.46 -19.90 -4.69
C MET D 218 -15.95 -18.46 -4.84
N GLY D 219 -16.87 -18.04 -3.96
CA GLY D 219 -17.52 -16.74 -4.13
C GLY D 219 -16.64 -15.54 -3.86
N ARG D 220 -17.24 -14.37 -4.09
CA ARG D 220 -16.57 -13.08 -3.99
C ARG D 220 -16.20 -12.71 -2.56
N GLY D 221 -16.74 -13.43 -1.57
CA GLY D 221 -16.28 -13.22 -0.18
C GLY D 221 -14.88 -13.78 0.14
N TYR D 222 -14.41 -14.72 -0.69
CA TYR D 222 -13.04 -15.24 -0.61
C TYR D 222 -12.04 -14.34 -1.34
N ALA D 223 -10.79 -14.33 -0.87
CA ALA D 223 -9.76 -13.63 -1.64
C ALA D 223 -8.80 -14.68 -2.19
N TRP D 224 -8.57 -14.66 -3.51
CA TRP D 224 -7.58 -15.54 -4.09
C TRP D 224 -6.57 -14.49 -4.63
N LEU D 225 -5.42 -14.36 -3.98
CA LEU D 225 -4.53 -13.22 -4.21
C LEU D 225 -3.71 -13.42 -5.47
N ASP D 226 -3.37 -12.34 -6.15
CA ASP D 226 -2.61 -12.43 -7.38
C ASP D 226 -1.09 -12.29 -7.00
N THR D 227 -0.24 -13.27 -7.37
CA THR D 227 1.23 -13.16 -7.21
C THR D 227 1.99 -13.09 -8.54
N GLY D 228 1.28 -12.82 -9.62
CA GLY D 228 1.85 -12.80 -10.95
C GLY D 228 2.84 -11.72 -11.28
N THR D 229 2.63 -10.49 -10.79
CA THR D 229 3.50 -9.41 -11.20
C THR D 229 4.22 -8.84 -9.96
N HIS D 230 5.23 -8.00 -10.19
CA HIS D 230 5.88 -7.34 -9.07
C HIS D 230 4.81 -6.55 -8.30
N GLN D 231 3.91 -5.87 -9.00
CA GLN D 231 2.97 -5.02 -8.27
C GLN D 231 2.03 -5.89 -7.43
N SER D 232 1.54 -6.99 -8.00
CA SER D 232 0.58 -7.82 -7.29
C SER D 232 1.21 -8.46 -6.05
N LEU D 233 2.51 -8.80 -6.10
CA LEU D 233 3.23 -9.31 -4.91
C LEU D 233 3.09 -8.31 -3.80
N ILE D 234 3.32 -7.04 -4.11
CA ILE D 234 3.17 -5.99 -3.10
C ILE D 234 1.72 -5.96 -2.60
N GLU D 235 0.75 -6.05 -3.51
CA GLU D 235 -0.62 -5.98 -3.03
C GLU D 235 -0.94 -7.21 -2.15
N ALA D 236 -0.39 -8.35 -2.51
CA ALA D 236 -0.68 -9.55 -1.71
C ALA D 236 -0.11 -9.37 -0.30
N SER D 237 1.12 -8.89 -0.21
CA SER D 237 1.72 -8.68 1.10
C SER D 237 0.90 -7.66 1.90
N ASN D 238 0.57 -6.54 1.28
CA ASN D 238 -0.22 -5.53 1.98
C ASN D 238 -1.55 -6.11 2.52
N PHE D 239 -2.23 -6.93 1.69
CA PHE D 239 -3.51 -7.54 2.04
C PHE D 239 -3.38 -8.42 3.26
N ILE D 240 -2.33 -9.23 3.28
CA ILE D 240 -2.12 -10.13 4.46
C ILE D 240 -1.73 -9.27 5.67
N ALA D 241 -0.86 -8.28 5.45
CA ALA D 241 -0.45 -7.40 6.56
C ALA D 241 -1.64 -6.73 7.26
N THR D 242 -2.56 -6.21 6.46
CA THR D 242 -3.75 -5.61 6.96
C THR D 242 -4.61 -6.51 7.84
N ILE D 243 -4.91 -7.73 7.35
CA ILE D 243 -5.64 -8.71 8.14
C ILE D 243 -4.92 -8.94 9.44
N GLU D 244 -3.63 -9.22 9.34
CA GLU D 244 -2.94 -9.73 10.50
C GLU D 244 -2.80 -8.65 11.54
N GLU D 245 -2.50 -7.45 11.08
CA GLU D 245 -2.25 -6.41 12.11
C GLU D 245 -3.57 -5.93 12.74
N ARG D 246 -4.65 -6.00 11.99
CA ARG D 246 -5.96 -5.68 12.54
C ARG D 246 -6.33 -6.74 13.59
N GLN D 247 -6.16 -8.03 13.27
CA GLN D 247 -6.66 -9.08 14.16
C GLN D 247 -5.72 -9.48 15.28
N GLY D 248 -4.41 -9.23 15.12
CA GLY D 248 -3.46 -9.82 16.05
C GLY D 248 -3.43 -11.34 15.82
N LEU D 249 -3.74 -11.77 14.61
CA LEU D 249 -3.79 -13.22 14.28
C LEU D 249 -3.01 -13.38 13.00
N LYS D 250 -2.46 -14.57 12.75
CA LYS D 250 -1.73 -14.75 11.51
C LYS D 250 -2.59 -15.51 10.50
N VAL D 251 -2.36 -15.21 9.21
CA VAL D 251 -2.92 -15.97 8.12
C VAL D 251 -1.95 -17.04 7.65
N SER D 252 -2.36 -18.31 7.57
CA SER D 252 -1.48 -19.36 7.03
C SER D 252 -0.17 -19.50 7.73
N CYS D 253 -0.22 -19.59 9.06
CA CYS D 253 0.97 -19.86 9.84
C CYS D 253 1.00 -21.41 10.08
N PRO D 254 1.89 -22.14 9.43
CA PRO D 254 1.85 -23.61 9.53
C PRO D 254 2.00 -24.09 10.98
N GLU D 255 2.87 -23.46 11.78
CA GLU D 255 2.99 -23.89 13.19
C GLU D 255 1.67 -23.85 13.95
N GLU D 256 0.93 -22.77 13.72
CA GLU D 256 -0.35 -22.60 14.39
C GLU D 256 -1.33 -23.63 13.96
N ILE D 257 -1.45 -23.82 12.66
CA ILE D 257 -2.39 -24.81 12.17
C ILE D 257 -2.02 -26.22 12.67
N ALA D 258 -0.74 -26.53 12.69
CA ALA D 258 -0.29 -27.83 13.19
C ALA D 258 -0.71 -27.99 14.66
N PHE D 259 -0.47 -26.99 15.48
CA PHE D 259 -0.93 -27.05 16.88
C PHE D 259 -2.46 -27.16 17.05
N ARG D 260 -3.19 -26.31 16.32
CA ARG D 260 -4.63 -26.25 16.46
C ARG D 260 -5.30 -27.57 16.02
N LYS D 261 -4.68 -28.24 15.06
CA LYS D 261 -5.22 -29.48 14.56
C LYS D 261 -4.65 -30.68 15.33
N GLY D 262 -3.76 -30.43 16.29
CA GLY D 262 -3.23 -31.51 17.11
C GLY D 262 -2.09 -32.32 16.52
N PHE D 263 -1.46 -31.80 15.44
CA PHE D 263 -0.32 -32.46 14.87
C PHE D 263 0.85 -32.41 15.86
N ILE D 264 0.97 -31.31 16.61
CA ILE D 264 2.11 -31.18 17.52
C ILE D 264 1.63 -30.64 18.86
N ASP D 265 2.39 -30.91 19.89
CA ASP D 265 1.98 -30.45 21.22
C ASP D 265 2.60 -29.13 21.70
N VAL D 266 2.22 -28.68 22.90
CA VAL D 266 2.75 -27.47 23.50
C VAL D 266 4.26 -27.45 23.63
N GLU D 267 4.86 -28.54 24.10
CA GLU D 267 6.30 -28.49 24.28
C GLU D 267 6.95 -28.24 22.93
N GLN D 268 6.43 -28.90 21.90
CA GLN D 268 7.00 -28.77 20.55
C GLN D 268 6.82 -27.34 20.01
N VAL D 269 5.63 -26.77 20.17
CA VAL D 269 5.41 -25.40 19.69
C VAL D 269 6.32 -24.43 20.42
N ARG D 270 6.43 -24.63 21.72
CA ARG D 270 7.40 -23.81 22.48
C ARG D 270 8.83 -23.90 22.00
N LYS D 271 9.26 -25.11 21.66
CA LYS D 271 10.57 -25.32 21.06
C LYS D 271 10.73 -24.51 19.79
N LEU D 272 9.70 -24.56 18.94
CA LEU D 272 9.76 -23.84 17.66
C LEU D 272 9.71 -22.33 17.78
N ALA D 273 8.92 -21.86 18.74
CA ALA D 273 8.79 -20.42 18.99
C ALA D 273 10.08 -19.69 19.38
N VAL D 274 10.84 -20.29 20.28
CA VAL D 274 12.04 -19.61 20.79
C VAL D 274 13.06 -19.07 19.80
N PRO D 275 13.50 -19.83 18.81
CA PRO D 275 14.40 -19.23 17.82
C PRO D 275 13.69 -18.13 17.01
N LEU D 276 12.36 -18.02 17.06
CA LEU D 276 11.71 -16.98 16.29
C LEU D 276 11.27 -15.84 17.15
N ILE D 277 11.53 -15.99 18.45
CA ILE D 277 10.91 -15.12 19.46
C ILE D 277 11.43 -13.69 19.49
N LYS D 278 12.44 -13.37 18.70
CA LYS D 278 12.84 -11.96 18.69
C LYS D 278 11.73 -11.10 18.11
N ASN D 279 11.02 -11.58 17.08
CA ASN D 279 9.97 -10.77 16.52
C ASN D 279 8.63 -11.36 16.82
N ASN D 280 7.59 -10.74 16.28
CA ASN D 280 6.24 -11.14 16.56
C ASN D 280 5.90 -12.59 16.26
N TYR D 281 6.55 -13.15 15.25
CA TYR D 281 6.16 -14.52 14.80
C TYR D 281 6.25 -15.49 16.01
N GLY D 282 7.41 -15.52 16.63
CA GLY D 282 7.62 -16.49 17.67
C GLY D 282 6.92 -16.12 18.93
N GLN D 283 6.78 -14.82 19.20
CA GLN D 283 5.98 -14.45 20.39
C GLN D 283 4.53 -14.87 20.24
N TYR D 284 4.02 -14.81 19.02
CA TYR D 284 2.64 -15.19 18.73
C TYR D 284 2.47 -16.68 19.01
N LEU D 285 3.42 -17.47 18.57
CA LEU D 285 3.31 -18.92 18.77
C LEU D 285 3.41 -19.34 20.22
N TYR D 286 4.32 -18.73 20.96
CA TYR D 286 4.49 -19.08 22.35
C TYR D 286 3.18 -18.75 23.10
N LYS D 287 2.65 -17.56 22.84
CA LYS D 287 1.42 -17.16 23.53
C LYS D 287 0.21 -18.00 23.16
N MET D 288 0.25 -18.65 21.99
CA MET D 288 -0.79 -19.61 21.60
C MET D 288 -0.91 -20.71 22.63
N THR D 289 0.22 -21.11 23.18
CA THR D 289 0.31 -22.24 24.07
C THR D 289 -0.14 -22.02 25.51
N LYS D 290 -0.21 -20.77 25.92
CA LYS D 290 -0.70 -20.48 27.25
C LYS D 290 -1.05 -19.00 27.37
N ASP D 291 -2.27 -18.72 27.81
CA ASP D 291 -3.23 -19.74 28.25
C ASP D 291 -4.69 -19.31 28.05
O5' THM E . -19.49 -12.89 -0.84
C5' THM E . -20.04 -11.97 0.08
C4' THM E . -19.22 -10.69 0.28
O4' THM E . -19.61 -9.79 -0.73
C3' THM E . -19.87 -10.08 1.52
O3' THM E . -18.87 -9.32 2.18
C2' THM E . -20.95 -9.13 1.00
C1' THM E . -20.36 -8.66 -0.32
N1 THM E . -21.29 -8.30 -1.39
C2 THM E . -21.22 -7.07 -1.97
O2 THM E . -20.47 -6.16 -1.41
N3 THM E . -22.01 -6.73 -3.00
C4 THM E . -22.73 -7.66 -3.63
O4 THM E . -23.47 -7.41 -4.70
C5 THM E . -22.76 -8.94 -3.13
C5M THM E . -23.61 -10.00 -3.78
C6 THM E . -21.98 -9.26 -2.03
O5' THM F . -17.51 5.95 18.22
C5' THM F . -17.66 4.98 17.19
C4' THM F . -18.29 5.73 16.02
O4' THM F . -19.58 6.20 16.39
C3' THM F . -17.54 7.00 15.67
O3' THM F . -17.63 7.12 14.28
C2' THM F . -18.36 8.21 16.19
C1' THM F . -19.75 7.63 16.26
N1 THM F . -20.48 8.17 17.41
C2 THM F . -21.66 8.86 17.24
O2 THM F . -22.16 9.06 16.02
N3 THM F . -22.38 9.32 18.29
C4 THM F . -21.89 9.11 19.52
O4 THM F . -22.53 9.52 20.56
C5 THM F . -20.69 8.45 19.73
C5M THM F . -20.29 8.15 21.15
C6 THM F . -20.00 7.90 18.64
C1 G1P G . -17.92 2.04 20.02
C2 G1P G . -18.45 1.44 21.32
C3 G1P G . -18.09 0.01 21.73
C4 G1P G . -17.99 -1.05 20.55
C5 G1P G . -17.29 -0.35 19.36
C6 G1P G . -17.44 -1.10 18.06
O1 G1P G . -17.00 3.11 20.35
O2 G1P G . -18.17 2.33 22.38
O3 G1P G . -19.15 0.05 22.70
O4 G1P G . -17.28 -2.36 20.70
O5 G1P G . -17.55 1.04 19.06
O6 G1P G . -16.65 -0.28 17.19
P G1P G . -17.30 4.22 21.37
O1P G1P G . -16.61 3.92 22.67
O2P G1P G . -18.78 4.39 21.62
O3P G1P G . -16.80 5.57 20.90
S SO4 H . -20.26 -15.55 -1.44
O1 SO4 H . -20.31 -14.65 -2.52
O2 SO4 H . -20.74 -15.30 -0.07
O3 SO4 H . -20.56 -16.98 -1.77
O4 SO4 H . -18.82 -15.58 -1.24
S SO4 I . -38.67 -10.10 9.89
O1 SO4 I . -38.15 -8.74 9.95
O2 SO4 I . -40.11 -10.06 10.06
O3 SO4 I . -38.32 -10.79 8.66
O4 SO4 I . -38.01 -10.92 10.90
O5' THM J . 11.95 20.84 -0.99
C5' THM J . 10.51 20.66 -0.85
C4' THM J . 9.79 19.27 -0.89
O4' THM J . 9.62 18.85 0.44
C3' THM J . 8.35 19.39 -1.31
O3' THM J . 7.91 18.06 -1.57
C2' THM J . 7.59 19.92 -0.09
C1' THM J . 8.48 19.47 1.06
N1 THM J . 8.88 20.53 2.01
C2 THM J . 8.11 20.77 3.10
O2 THM J . 7.02 20.06 3.25
N3 THM J . 8.43 21.65 4.06
C4 THM J . 9.57 22.35 3.95
O4 THM J . 9.88 23.24 4.91
C5 THM J . 10.40 22.14 2.84
C5M THM J . 11.68 22.92 2.63
C6 THM J . 10.04 21.19 1.89
O5' THM K . -7.80 19.14 -15.26
C5' THM K . -6.67 19.56 -14.48
C4' THM K . -7.13 19.98 -13.09
O4' THM K . -7.79 21.26 -13.04
C3' THM K . -8.17 19.01 -12.55
O3' THM K . -7.98 18.96 -11.13
C2' THM K . -9.48 19.72 -12.82
C1' THM K . -9.17 21.22 -12.68
N1 THM K . -9.96 22.02 -13.63
C2 THM K . -10.43 23.23 -13.27
O2 THM K . -10.27 23.62 -12.03
N3 THM K . -11.09 24.04 -14.12
C4 THM K . -11.21 23.66 -15.40
O4 THM K . -11.80 24.48 -16.28
C5 THM K . -10.67 22.46 -15.83
C5M THM K . -10.74 22.08 -17.30
C6 THM K . -9.95 21.71 -14.93
C1 G1P L . -4.43 19.82 -18.14
C2 G1P L . -3.48 20.47 -19.13
C3 G1P L . -2.20 19.66 -19.30
C4 G1P L . -1.56 19.28 -17.96
C5 G1P L . -2.55 18.70 -16.95
C6 G1P L . -1.95 18.64 -15.55
O1 G1P L . -5.06 18.69 -18.74
O2 G1P L . -4.12 20.55 -20.39
O3 G1P L . -1.29 20.45 -20.06
O4 G1P L . -0.53 18.32 -18.20
O5 G1P L . -3.75 19.48 -16.94
O6 G1P L . -0.62 19.10 -15.58
P G1P L . -6.58 18.62 -18.85
O1P G1P L . -7.04 17.31 -18.29
O2P G1P L . -6.98 18.70 -20.30
O3P G1P L . -7.24 19.75 -18.11
S SO4 M . 14.94 19.69 1.64
O1 SO4 M . 15.62 20.29 2.73
O2 SO4 M . 15.57 18.40 1.30
O3 SO4 M . 13.57 19.42 2.06
O4 SO4 M . 14.94 20.58 0.51
O5' THM N . 19.81 11.90 -7.57
C5' THM N . 18.98 11.38 -8.61
C4' THM N . 17.98 10.36 -8.05
O4' THM N . 17.57 9.46 -9.09
C3' THM N . 18.61 9.45 -6.99
O3' THM N . 17.51 8.85 -6.31
C2' THM N . 19.31 8.37 -7.82
C1' THM N . 18.38 8.25 -9.03
N1 THM N . 19.13 7.92 -10.27
C2 THM N . 19.00 6.68 -10.81
O2 THM N . 18.24 5.79 -10.21
N3 THM N . 19.60 6.37 -11.98
C4 THM N . 20.36 7.24 -12.65
O4 THM N . 20.96 6.89 -13.78
C5 THM N . 20.53 8.50 -12.13
C5M THM N . 21.38 9.51 -12.87
C6 THM N . 19.88 8.83 -10.94
O5' THM O . 22.68 -4.71 9.64
C5' THM O . 23.25 -3.70 8.84
C4' THM O . 23.38 -4.34 7.47
O4' THM O . 24.59 -5.08 7.52
C3' THM O . 22.30 -5.39 7.25
O3' THM O . 21.85 -5.37 5.91
C2' THM O . 22.97 -6.74 7.54
C1' THM O . 24.44 -6.48 7.22
N1 THM O . 25.41 -7.10 8.14
C2 THM O . 26.50 -7.72 7.65
O2 THM O . 26.61 -8.00 6.37
N3 THM O . 27.41 -8.28 8.47
C4 THM O . 27.34 -8.04 9.80
O4 THM O . 28.27 -8.50 10.64
C5 THM O . 26.25 -7.36 10.33
C5M THM O . 26.14 -7.20 11.83
C6 THM O . 25.28 -6.88 9.47
C1 G1P P . 23.28 -0.26 11.70
C2 G1P P . 24.29 0.66 12.42
C3 G1P P . 23.58 1.91 12.87
C4 G1P P . 23.01 2.65 11.67
C5 G1P P . 22.00 1.74 10.93
C6 G1P P . 21.64 2.28 9.54
O1 G1P P . 22.33 -0.77 12.61
O2 G1P P . 24.98 0.07 13.52
O3 G1P P . 24.56 2.71 13.53
O4 G1P P . 22.56 3.94 12.11
O5 G1P P . 22.62 0.48 10.67
O6 G1P P . 20.85 1.27 8.86
P G1P P . 21.82 -2.20 12.64
O1P G1P P . 20.89 -2.41 11.48
O2P G1P P . 21.14 -2.33 13.98
O3P G1P P . 23.00 -3.14 12.55
S SO4 Q . 17.77 13.80 -10.36
O1 SO4 Q . 18.92 14.05 -9.50
O2 SO4 Q . 17.48 12.38 -10.26
O3 SO4 Q . 16.65 14.63 -9.97
O4 SO4 Q . 18.06 14.10 -11.74
O5' THM R . -11.19 -20.60 6.69
C5' THM R . -9.89 -20.54 6.16
C4' THM R . -9.32 -19.14 6.33
O4' THM R . -8.67 -19.01 7.60
C3' THM R . -8.21 -18.97 5.32
O3' THM R . -8.02 -17.57 5.21
C2' THM R . -6.99 -19.59 6.02
C1' THM R . -7.26 -19.26 7.51
N1 THM R . -6.67 -20.01 8.65
C2 THM R . -5.43 -19.67 9.03
O2 THM R . -4.80 -18.82 8.27
N3 THM R . -4.82 -20.17 10.14
C4 THM R . -5.50 -21.00 10.95
O4 THM R . -4.98 -21.50 12.08
C5 THM R . -6.80 -21.34 10.62
C5M THM R . -7.52 -22.29 11.53
C6 THM R . -7.38 -20.80 9.47
O5' THM S . 2.09 -21.20 -12.93
C5' THM S . 3.16 -20.90 -12.06
C4' THM S . 3.01 -21.69 -10.76
O4' THM S . 3.34 -22.99 -11.16
C3' THM S . 4.15 -21.23 -9.84
O3' THM S . 4.06 -21.74 -8.45
C2' THM S . 5.30 -21.81 -10.69
C1' THM S . 4.77 -23.16 -11.12
N1 THM S . 5.25 -23.88 -12.33
C2 THM S . 5.95 -24.96 -12.12
O2 THM S . 6.38 -25.22 -10.92
N3 THM S . 6.24 -25.85 -13.07
C4 THM S . 5.89 -25.62 -14.32
O4 THM S . 6.10 -26.54 -15.24
C5 THM S . 5.11 -24.52 -14.59
C5M THM S . 4.63 -24.30 -16.01
C6 THM S . 4.75 -23.67 -13.55
C1 G1P T . -1.67 -21.32 -14.32
C2 G1P T . -2.49 -22.42 -14.95
C3 G1P T . -3.91 -21.91 -15.20
C4 G1P T . -4.58 -21.45 -13.91
C5 G1P T . -3.65 -20.49 -13.10
C6 G1P T . -3.94 -20.24 -11.60
O1 G1P T . -0.74 -20.93 -15.05
O2 G1P T . -1.86 -22.88 -16.15
O3 G1P T . -4.65 -22.98 -15.80
O4 G1P T . -6.00 -21.17 -14.16
O5 G1P T . -2.34 -21.04 -13.10
O6 G1P T . -2.89 -19.58 -10.84
P G1P T . 0.09 -20.39 -15.20
O1P G1P T . 0.46 -19.66 -13.93
O2P G1P T . 0.26 -19.39 -16.32
O3P G1P T . 1.02 -21.57 -15.49
S SO4 U . -12.87 -18.82 9.77
O1 SO4 U . -13.23 -19.19 11.10
O2 SO4 U . -13.35 -19.87 8.89
O3 SO4 U . -13.47 -17.53 9.54
O4 SO4 U . -11.43 -18.75 9.61
#